data_2CXO
#
_entry.id   2CXO
#
_cell.length_a   69.629
_cell.length_b   115.861
_cell.length_c   73.318
_cell.angle_alpha   90.00
_cell.angle_beta   101.64
_cell.angle_gamma   90.00
#
_symmetry.space_group_name_H-M   'P 1 21 1'
#
loop_
_entity.id
_entity.type
_entity.pdbx_description
1 polymer 'Glucose-6-phosphate isomerase'
2 non-polymer 'D-4-PHOSPHOERYTHRONIC ACID'
3 non-polymer GLYCEROL
4 water water
#
_entity_poly.entity_id   1
_entity_poly.type   'polypeptide(L)'
_entity_poly.pdbx_seq_one_letter_code
;MAALTRNPQFQKLLEWHRANSANLKLRELFEADPERFNNFSLNLNTNHGHILVDYSKNLVSKEVMQMLVELAKSRGVEAA
RDNMFSGSKINYTEDRAVLHVALRNRSNTPIKVDGKDVMPEVNRVLDKMKSFCQRVRSGDWKGYTGKSITDIINIGIGGS
DLGPLMVTEALKPYSKGGPRVWFVSNIDGTHIAKTLASLSPETSLFIIASKTFTTQETITNAETAKEWFLEAAKDPSAVA
KHFVALSTNTAKVKEFGIDPQNMFEFWDWVGGRYSLWSAIGLSIALHVGFDHFEQLLSGAHWMDQHFLKTPLEKNAPVLL
ALLGIWYINCYGCETHALLPYDQYMHRFAAYFQQGDMESNGKYITKSGARVDHQTGPIVWGEPGTNGQHAFYQLIHQGTK
MIPCDFLIPVQTQHPIRKGLHHKILLANFLAQTEALMKGKLPEEARKELQAAGKSPEDLEKLLPHKVFEGNRPTNSIVFT
KLTPFILGALIAMYEHKIFVQGIMWDINSFDQWGVELGKQLAKKIEPELEGSSAVTSHDSSTNGLISFIKQQRDTKL
;
_entity_poly.pdbx_strand_id   A,B
#
loop_
_chem_comp.id
_chem_comp.type
_chem_comp.name
_chem_comp.formula
DER non-polymer 'D-4-PHOSPHOERYTHRONIC ACID' 'C4 H9 O8 P'
GOL non-polymer GLYCEROL 'C3 H8 O3'
#
# COMPACT_ATOMS: atom_id res chain seq x y z
N MET A 1 32.79 -8.31 10.87
CA MET A 1 31.43 -8.83 10.56
C MET A 1 30.45 -8.50 11.70
N ALA A 2 29.26 -9.12 11.65
CA ALA A 2 28.20 -8.80 12.60
C ALA A 2 27.79 -10.04 13.40
N ALA A 3 27.07 -9.83 14.50
CA ALA A 3 26.68 -10.92 15.41
C ALA A 3 26.00 -12.11 14.71
N LEU A 4 25.03 -11.84 13.84
CA LEU A 4 24.32 -12.92 13.15
C LEU A 4 25.26 -13.75 12.28
N THR A 5 26.04 -13.08 11.42
CA THR A 5 26.93 -13.79 10.50
C THR A 5 28.10 -14.51 11.19
N ARG A 6 28.50 -14.03 12.36
CA ARG A 6 29.57 -14.65 13.13
C ARG A 6 29.06 -15.86 13.92
N ASN A 7 27.74 -15.97 14.00
CA ASN A 7 27.09 -17.02 14.79
C ASN A 7 27.15 -18.38 14.07
N PRO A 8 27.72 -19.39 14.74
CA PRO A 8 27.90 -20.71 14.11
C PRO A 8 26.58 -21.41 13.76
N GLN A 9 25.54 -21.19 14.56
CA GLN A 9 24.22 -21.74 14.28
C GLN A 9 23.61 -21.11 13.02
N PHE A 10 23.89 -19.83 12.77
CA PHE A 10 23.45 -19.20 11.53
C PHE A 10 24.21 -19.76 10.33
N GLN A 11 25.52 -19.92 10.46
CA GLN A 11 26.31 -20.45 9.36
C GLN A 11 25.92 -21.89 9.02
N LYS A 12 25.54 -22.68 10.03
CA LYS A 12 25.03 -24.04 9.82
C LYS A 12 23.73 -24.03 9.02
N LEU A 13 22.80 -23.18 9.47
CA LEU A 13 21.53 -22.93 8.78
C LEU A 13 21.76 -22.55 7.32
N LEU A 14 22.62 -21.57 7.09
CA LEU A 14 22.92 -21.08 5.74
C LEU A 14 23.54 -22.15 4.85
N GLU A 15 24.49 -22.89 5.40
CA GLU A 15 25.12 -23.99 4.67
C GLU A 15 24.10 -25.07 4.29
N TRP A 16 23.22 -25.41 5.23
CA TRP A 16 22.14 -26.36 4.95
C TRP A 16 21.24 -25.85 3.84
N HIS A 17 20.90 -24.56 3.89
CA HIS A 17 20.11 -23.94 2.82
C HIS A 17 20.78 -24.11 1.46
N ARG A 18 22.08 -23.80 1.38
CA ARG A 18 22.81 -23.94 0.12
C ARG A 18 22.79 -25.38 -0.39
N ALA A 19 22.96 -26.32 0.52
CA ALA A 19 23.06 -27.74 0.16
C ALA A 19 21.71 -28.40 -0.14
N ASN A 20 20.65 -27.93 0.51
CA ASN A 20 19.39 -28.69 0.57
C ASN A 20 18.10 -27.99 0.10
N SER A 21 18.08 -26.66 0.10
CA SER A 21 16.83 -25.92 -0.17
C SER A 21 16.18 -26.19 -1.53
N ALA A 22 17.00 -26.37 -2.56
CA ALA A 22 16.48 -26.70 -3.90
C ALA A 22 15.65 -27.98 -3.93
N ASN A 23 15.84 -28.84 -2.92
CA ASN A 23 15.11 -30.11 -2.84
C ASN A 23 13.79 -30.03 -2.07
N LEU A 24 13.51 -28.86 -1.48
CA LEU A 24 12.26 -28.64 -0.77
C LEU A 24 11.18 -28.26 -1.77
N LYS A 25 10.19 -29.15 -1.89
CA LYS A 25 9.05 -28.95 -2.79
C LYS A 25 7.76 -29.17 -2.01
N LEU A 26 6.98 -28.11 -1.88
CA LEU A 26 5.83 -28.11 -0.99
C LEU A 26 4.81 -29.21 -1.31
N ARG A 27 4.48 -29.36 -2.58
CA ARG A 27 3.53 -30.36 -3.02
C ARG A 27 3.95 -31.74 -2.52
N GLU A 28 5.23 -32.03 -2.64
CA GLU A 28 5.77 -33.33 -2.28
C GLU A 28 5.92 -33.49 -0.76
N LEU A 29 6.21 -32.39 -0.06
CA LEU A 29 6.27 -32.40 1.40
C LEU A 29 4.95 -32.81 2.02
N PHE A 30 3.85 -32.29 1.46
CA PHE A 30 2.51 -32.64 1.93
C PHE A 30 2.09 -34.07 1.58
N GLU A 31 2.41 -34.51 0.36
CA GLU A 31 2.11 -35.87 -0.07
C GLU A 31 2.79 -36.92 0.81
N ALA A 32 4.04 -36.64 1.18
CA ALA A 32 4.86 -37.58 1.93
C ALA A 32 4.49 -37.68 3.41
N ASP A 33 3.81 -36.66 3.92
CA ASP A 33 3.58 -36.52 5.35
C ASP A 33 2.16 -36.02 5.64
N PRO A 34 1.23 -36.96 5.91
CA PRO A 34 -0.16 -36.59 6.25
C PRO A 34 -0.30 -35.78 7.55
N GLU A 35 0.74 -35.78 8.38
CA GLU A 35 0.73 -35.02 9.63
C GLU A 35 1.32 -33.62 9.48
N ARG A 36 1.58 -33.19 8.24
CA ARG A 36 2.28 -31.92 8.03
C ARG A 36 1.55 -30.73 8.69
N PHE A 37 0.26 -30.58 8.41
CA PHE A 37 -0.54 -29.53 9.06
C PHE A 37 -0.46 -29.60 10.59
N ASN A 38 -0.63 -30.80 11.15
CA ASN A 38 -0.62 -30.99 12.61
C ASN A 38 0.69 -30.58 13.27
N ASN A 39 1.80 -30.83 12.59
CA ASN A 39 3.12 -30.59 13.16
C ASN A 39 3.69 -29.22 12.85
N PHE A 40 3.05 -28.48 11.94
CA PHE A 40 3.52 -27.16 11.53
C PHE A 40 2.41 -26.11 11.65
N SER A 41 1.67 -26.18 12.74
CA SER A 41 0.63 -25.19 13.05
C SER A 41 0.42 -25.06 14.55
N LEU A 42 -0.09 -23.90 14.95
CA LEU A 42 -0.41 -23.60 16.33
C LEU A 42 -1.86 -23.17 16.42
N ASN A 43 -2.65 -23.91 17.19
CA ASN A 43 -4.04 -23.55 17.45
C ASN A 43 -4.12 -22.94 18.84
N LEU A 44 -4.13 -21.62 18.91
CA LEU A 44 -4.10 -20.91 20.19
C LEU A 44 -5.50 -20.63 20.70
N ASN A 45 -5.80 -21.18 21.88
CA ASN A 45 -7.04 -20.86 22.57
C ASN A 45 -6.82 -19.74 23.58
N THR A 46 -7.38 -18.57 23.29
CA THR A 46 -7.22 -17.41 24.17
C THR A 46 -8.33 -17.34 25.22
N ASN A 47 -9.28 -18.27 25.13
CA ASN A 47 -10.52 -18.25 25.91
C ASN A 47 -11.51 -17.16 25.47
N HIS A 48 -11.12 -16.38 24.46
CA HIS A 48 -11.99 -15.39 23.85
C HIS A 48 -11.90 -15.52 22.32
N GLY A 49 -11.76 -16.76 21.89
CA GLY A 49 -11.60 -17.09 20.48
C GLY A 49 -10.28 -17.78 20.26
N HIS A 50 -10.17 -18.46 19.14
CA HIS A 50 -8.95 -19.15 18.76
C HIS A 50 -8.22 -18.39 17.67
N ILE A 51 -6.88 -18.45 17.70
CA ILE A 51 -6.06 -17.98 16.59
C ILE A 51 -5.23 -19.17 16.08
N LEU A 52 -5.48 -19.56 14.84
CA LEU A 52 -4.73 -20.62 14.19
C LEU A 52 -3.61 -20.01 13.35
N VAL A 53 -2.37 -20.29 13.75
CA VAL A 53 -1.20 -19.88 12.98
C VAL A 53 -0.70 -21.11 12.24
N ASP A 54 -1.11 -21.22 10.98
CA ASP A 54 -0.78 -22.38 10.17
C ASP A 54 0.42 -22.01 9.30
N TYR A 55 1.59 -22.53 9.66
CA TYR A 55 2.80 -22.23 8.92
C TYR A 55 3.30 -23.43 8.10
N SER A 56 2.38 -24.37 7.81
CA SER A 56 2.75 -25.61 7.13
C SER A 56 3.08 -25.44 5.64
N LYS A 57 2.53 -24.41 5.02
CA LYS A 57 2.80 -24.17 3.59
C LYS A 57 4.10 -23.38 3.41
N ASN A 58 5.04 -23.59 4.32
CA ASN A 58 6.36 -22.98 4.24
C ASN A 58 7.43 -23.95 3.78
N LEU A 59 8.49 -23.41 3.18
CA LEU A 59 9.59 -24.21 2.66
C LEU A 59 10.52 -24.64 3.80
N VAL A 60 9.97 -25.48 4.68
CA VAL A 60 10.68 -25.91 5.90
C VAL A 60 10.41 -27.39 6.20
N SER A 61 11.37 -28.02 6.86
CA SER A 61 11.19 -29.35 7.43
C SER A 61 11.38 -29.27 8.93
N LYS A 62 11.16 -30.38 9.63
CA LYS A 62 11.44 -30.46 11.07
C LYS A 62 12.86 -29.98 11.38
N GLU A 63 13.82 -30.40 10.55
CA GLU A 63 15.23 -30.06 10.75
C GLU A 63 15.48 -28.56 10.61
N VAL A 64 14.85 -27.94 9.61
CA VAL A 64 14.96 -26.49 9.42
C VAL A 64 14.43 -25.73 10.65
N MET A 65 13.24 -26.11 11.11
CA MET A 65 12.64 -25.48 12.29
C MET A 65 13.51 -25.65 13.54
N GLN A 66 14.09 -26.84 13.69
CA GLN A 66 15.02 -27.13 14.80
C GLN A 66 16.22 -26.19 14.77
N MET A 67 16.83 -26.06 13.60
CA MET A 67 17.98 -25.17 13.42
C MET A 67 17.61 -23.71 13.72
N LEU A 68 16.44 -23.28 13.25
CA LEU A 68 15.94 -21.92 13.50
C LEU A 68 15.73 -21.64 14.99
N VAL A 69 15.12 -22.59 15.70
CA VAL A 69 14.92 -22.45 17.14
C VAL A 69 16.26 -22.40 17.87
N GLU A 70 17.21 -23.23 17.45
CA GLU A 70 18.54 -23.22 18.07
C GLU A 70 19.24 -21.88 17.86
N LEU A 71 19.05 -21.29 16.68
CA LEU A 71 19.63 -19.99 16.37
C LEU A 71 19.03 -18.90 17.26
N ALA A 72 17.71 -18.93 17.46
CA ALA A 72 17.04 -18.00 18.37
C ALA A 72 17.60 -18.10 19.79
N LYS A 73 17.81 -19.33 20.27
CA LYS A 73 18.40 -19.53 21.60
C LYS A 73 19.83 -18.99 21.65
N SER A 74 20.60 -19.30 20.61
CA SER A 74 21.98 -18.84 20.48
C SER A 74 22.09 -17.32 20.39
N ARG A 75 21.05 -16.67 19.85
CA ARG A 75 21.04 -15.22 19.73
C ARG A 75 20.48 -14.52 20.97
N GLY A 76 20.13 -15.31 21.98
CA GLY A 76 19.68 -14.80 23.26
C GLY A 76 18.33 -14.11 23.26
N VAL A 77 17.39 -14.66 22.49
CA VAL A 77 16.04 -14.08 22.36
C VAL A 77 15.29 -14.06 23.71
N GLU A 78 15.33 -15.17 24.44
CA GLU A 78 14.60 -15.24 25.71
C GLU A 78 15.07 -14.18 26.70
N ALA A 79 16.40 -14.05 26.88
CA ALA A 79 16.95 -13.06 27.82
C ALA A 79 16.60 -11.62 27.41
N ALA A 80 16.66 -11.35 26.11
CA ALA A 80 16.34 -10.03 25.58
C ALA A 80 14.86 -9.69 25.82
N ARG A 81 13.99 -10.65 25.55
CA ARG A 81 12.55 -10.50 25.81
C ARG A 81 12.31 -10.15 27.28
N ASP A 82 12.90 -10.95 28.17
CA ASP A 82 12.78 -10.72 29.60
C ASP A 82 13.24 -9.31 29.98
N ASN A 83 14.34 -8.87 29.37
CA ASN A 83 14.85 -7.52 29.60
C ASN A 83 13.89 -6.43 29.14
N MET A 84 13.25 -6.63 27.99
CA MET A 84 12.20 -5.71 27.56
C MET A 84 11.08 -5.64 28.62
N PHE A 85 10.57 -6.81 29.01
CA PHE A 85 9.43 -6.90 29.94
C PHE A 85 9.72 -6.36 31.34
N SER A 86 10.98 -6.41 31.77
CA SER A 86 11.38 -5.96 33.11
C SER A 86 11.72 -4.46 33.20
N GLY A 87 11.70 -3.77 32.07
CA GLY A 87 11.96 -2.34 32.03
C GLY A 87 13.42 -1.95 31.86
N SER A 88 14.27 -2.89 31.43
CA SER A 88 15.67 -2.59 31.13
C SER A 88 15.72 -1.63 29.96
N LYS A 89 16.76 -0.80 29.92
CA LYS A 89 16.84 0.22 28.89
C LYS A 89 17.42 -0.33 27.58
N ILE A 90 16.66 -1.20 26.94
CA ILE A 90 17.13 -1.92 25.75
C ILE A 90 17.15 -1.07 24.47
N ASN A 91 16.51 0.10 24.52
CA ASN A 91 16.69 1.11 23.47
C ASN A 91 18.00 1.84 23.80
N TYR A 92 19.12 1.24 23.39
CA TYR A 92 20.44 1.64 23.87
C TYR A 92 20.99 2.94 23.25
N THR A 93 20.54 3.29 22.05
CA THR A 93 21.00 4.54 21.44
C THR A 93 20.33 5.76 22.09
N GLU A 94 19.14 5.57 22.62
CA GLU A 94 18.41 6.66 23.25
C GLU A 94 18.39 6.51 24.78
N ASP A 95 18.99 5.41 25.25
CA ASP A 95 18.99 5.04 26.67
C ASP A 95 17.57 5.08 27.25
N ARG A 96 16.68 4.27 26.66
CA ARG A 96 15.28 4.22 27.09
C ARG A 96 14.83 2.79 27.30
N ALA A 97 13.85 2.61 28.20
CA ALA A 97 13.12 1.36 28.31
C ALA A 97 12.21 1.21 27.08
N VAL A 98 11.67 0.01 26.88
CA VAL A 98 10.76 -0.25 25.76
C VAL A 98 9.58 -0.99 26.37
N LEU A 99 8.52 -0.23 26.67
CA LEU A 99 7.46 -0.74 27.53
C LEU A 99 6.03 -0.56 27.03
N HIS A 100 5.82 -0.78 25.72
CA HIS A 100 4.45 -0.88 25.23
C HIS A 100 3.71 -2.01 25.94
N VAL A 101 4.42 -3.06 26.39
CA VAL A 101 3.78 -4.14 27.15
C VAL A 101 3.22 -3.69 28.51
N ALA A 102 3.79 -2.62 29.08
CA ALA A 102 3.28 -2.06 30.35
C ALA A 102 1.93 -1.37 30.15
N LEU A 103 1.75 -0.80 28.97
CA LEU A 103 0.53 -0.06 28.64
C LEU A 103 -0.72 -0.93 28.73
N ARG A 104 -0.56 -2.22 28.39
CA ARG A 104 -1.63 -3.18 28.39
C ARG A 104 -1.44 -4.28 29.45
N ASN A 105 -0.65 -3.99 30.47
CA ASN A 105 -0.36 -4.92 31.55
C ASN A 105 -1.55 -5.02 32.51
N ARG A 106 -2.54 -5.83 32.10
CA ARG A 106 -3.81 -5.97 32.83
C ARG A 106 -3.64 -6.61 34.21
N SER A 107 -2.59 -7.41 34.36
CA SER A 107 -2.28 -8.06 35.64
C SER A 107 -1.87 -7.08 36.72
N ASN A 108 -1.39 -5.91 36.29
CA ASN A 108 -0.86 -4.86 37.17
C ASN A 108 0.37 -5.25 38.01
N THR A 109 1.03 -6.35 37.63
CA THR A 109 2.32 -6.69 38.19
C THR A 109 3.28 -5.52 37.95
N PRO A 110 3.97 -5.06 39.00
CA PRO A 110 4.90 -3.94 38.88
C PRO A 110 5.94 -4.12 37.77
N ILE A 111 6.12 -3.07 36.98
CA ILE A 111 7.20 -3.02 36.01
C ILE A 111 7.94 -1.72 36.32
N LYS A 112 9.22 -1.84 36.66
CA LYS A 112 9.99 -0.72 37.16
C LYS A 112 10.90 -0.12 36.10
N VAL A 113 10.95 1.20 36.07
CA VAL A 113 11.96 1.95 35.34
C VAL A 113 12.60 2.89 36.35
N ASP A 114 13.93 2.86 36.44
CA ASP A 114 14.67 3.71 37.38
C ASP A 114 14.19 3.48 38.82
N GLY A 115 13.92 2.22 39.16
CA GLY A 115 13.43 1.84 40.48
C GLY A 115 11.95 2.10 40.74
N LYS A 116 11.25 2.73 39.80
CA LYS A 116 9.87 3.14 40.01
C LYS A 116 8.87 2.37 39.13
N ASP A 117 7.83 1.82 39.77
CA ASP A 117 6.74 1.15 39.08
C ASP A 117 6.00 2.13 38.16
N VAL A 118 5.84 1.73 36.90
CA VAL A 118 5.17 2.56 35.89
C VAL A 118 3.66 2.39 35.87
N MET A 119 3.17 1.30 36.47
CA MET A 119 1.76 0.93 36.40
C MET A 119 0.76 1.95 36.99
N PRO A 120 1.03 2.50 38.18
CA PRO A 120 0.17 3.57 38.70
C PRO A 120 -0.08 4.69 37.69
N GLU A 121 0.95 5.15 36.98
CA GLU A 121 0.75 6.24 36.02
C GLU A 121 0.06 5.76 34.73
N VAL A 122 0.42 4.57 34.27
CA VAL A 122 -0.31 3.93 33.16
C VAL A 122 -1.81 3.90 33.47
N ASN A 123 -2.15 3.43 34.66
CA ASN A 123 -3.55 3.27 35.06
C ASN A 123 -4.27 4.59 35.33
N ARG A 124 -3.52 5.59 35.82
CA ARG A 124 -4.08 6.91 36.04
C ARG A 124 -4.55 7.53 34.72
N VAL A 125 -3.71 7.40 33.69
CA VAL A 125 -4.05 7.97 32.38
C VAL A 125 -5.21 7.19 31.75
N LEU A 126 -5.21 5.87 31.91
CA LEU A 126 -6.32 5.05 31.44
C LEU A 126 -7.64 5.47 32.12
N ASP A 127 -7.59 5.71 33.43
CA ASP A 127 -8.77 6.19 34.17
C ASP A 127 -9.25 7.54 33.63
N LYS A 128 -8.30 8.42 33.32
CA LYS A 128 -8.62 9.73 32.76
C LYS A 128 -9.26 9.59 31.38
N MET A 129 -8.73 8.67 30.57
CA MET A 129 -9.30 8.37 29.25
C MET A 129 -10.73 7.85 29.36
N LYS A 130 -10.94 6.93 30.30
CA LYS A 130 -12.26 6.34 30.54
C LYS A 130 -13.29 7.41 30.90
N SER A 131 -12.91 8.29 31.82
CA SER A 131 -13.79 9.35 32.28
C SER A 131 -14.12 10.31 31.13
N PHE A 132 -13.10 10.73 30.39
CA PHE A 132 -13.28 11.61 29.25
C PHE A 132 -14.19 11.01 28.19
N CYS A 133 -13.97 9.74 27.85
CA CYS A 133 -14.80 9.03 26.88
C CYS A 133 -16.26 9.00 27.28
N GLN A 134 -16.55 8.69 28.56
CA GLN A 134 -17.92 8.70 29.05
C GLN A 134 -18.57 10.07 28.85
N ARG A 135 -17.83 11.12 29.20
CA ARG A 135 -18.36 12.48 29.13
C ARG A 135 -18.68 12.90 27.69
N VAL A 136 -17.78 12.59 26.76
CA VAL A 136 -17.99 12.95 25.36
C VAL A 136 -19.07 12.10 24.72
N ARG A 137 -18.95 10.77 24.85
CA ARG A 137 -19.87 9.84 24.20
C ARG A 137 -21.32 9.96 24.66
N SER A 138 -21.52 10.26 25.94
CA SER A 138 -22.85 10.42 26.52
C SER A 138 -23.55 11.69 26.03
N GLY A 139 -22.77 12.61 25.45
CA GLY A 139 -23.29 13.90 25.06
C GLY A 139 -23.24 14.94 26.17
N ASP A 140 -22.68 14.56 27.33
CA ASP A 140 -22.56 15.47 28.47
C ASP A 140 -21.57 16.61 28.19
N TRP A 141 -20.43 16.27 27.56
CA TRP A 141 -19.42 17.26 27.18
C TRP A 141 -19.99 18.18 26.09
N LYS A 142 -20.03 19.49 26.36
CA LYS A 142 -20.61 20.44 25.42
C LYS A 142 -19.57 21.37 24.81
N GLY A 143 -19.81 21.76 23.56
CA GLY A 143 -18.95 22.70 22.86
C GLY A 143 -19.24 24.13 23.29
N TYR A 144 -18.57 25.08 22.65
CA TYR A 144 -18.62 26.47 23.07
C TYR A 144 -19.99 27.15 22.92
N THR A 145 -20.86 26.60 22.07
CA THR A 145 -22.25 27.08 21.96
C THR A 145 -23.24 26.18 22.70
N GLY A 146 -22.73 25.21 23.45
CA GLY A 146 -23.56 24.34 24.27
C GLY A 146 -24.14 23.11 23.59
N LYS A 147 -23.49 22.62 22.53
CA LYS A 147 -23.99 21.46 21.78
C LYS A 147 -23.09 20.24 22.03
N SER A 148 -23.67 19.04 21.99
CA SER A 148 -22.88 17.82 22.14
C SER A 148 -21.90 17.66 20.98
N ILE A 149 -20.79 16.95 21.23
CA ILE A 149 -19.78 16.70 20.20
C ILE A 149 -20.23 15.60 19.24
N THR A 150 -20.11 15.85 17.94
CA THR A 150 -20.52 14.88 16.92
C THR A 150 -19.34 14.32 16.13
N ASP A 151 -18.23 15.04 16.18
CA ASP A 151 -17.06 14.70 15.38
C ASP A 151 -15.81 14.84 16.20
N ILE A 152 -14.93 13.85 16.08
CA ILE A 152 -13.63 13.89 16.71
C ILE A 152 -12.54 13.83 15.63
N ILE A 153 -11.55 14.70 15.77
CA ILE A 153 -10.49 14.83 14.76
C ILE A 153 -9.11 14.63 15.38
N ASN A 154 -8.51 13.49 15.06
CA ASN A 154 -7.14 13.22 15.46
C ASN A 154 -6.19 13.94 14.50
N ILE A 155 -5.32 14.78 15.05
CA ILE A 155 -4.25 15.38 14.27
C ILE A 155 -2.92 14.84 14.76
N GLY A 156 -2.22 14.13 13.87
CA GLY A 156 -0.96 13.49 14.19
C GLY A 156 -0.40 12.82 12.95
N ILE A 157 0.85 12.40 13.00
CA ILE A 157 1.46 11.77 11.84
C ILE A 157 2.30 10.57 12.30
N GLY A 158 2.49 9.61 11.40
CA GLY A 158 3.27 8.42 11.71
C GLY A 158 2.67 7.65 12.86
N GLY A 159 3.47 7.41 13.90
CA GLY A 159 3.03 6.69 15.09
C GLY A 159 1.86 7.34 15.83
N SER A 160 1.64 8.63 15.61
CA SER A 160 0.52 9.33 16.24
C SER A 160 -0.74 9.38 15.37
N ASP A 161 -0.73 8.62 14.28
CA ASP A 161 -1.81 8.62 13.29
C ASP A 161 -2.27 7.19 12.90
N LEU A 162 -1.31 6.37 12.43
CA LEU A 162 -1.64 5.14 11.73
C LEU A 162 -2.28 4.07 12.61
N GLY A 163 -1.82 3.95 13.86
CA GLY A 163 -2.43 3.03 14.81
C GLY A 163 -3.90 3.33 15.05
N PRO A 164 -4.22 4.52 15.56
CA PRO A 164 -5.62 4.91 15.76
C PRO A 164 -6.45 4.78 14.48
N LEU A 165 -5.89 5.17 13.34
CA LEU A 165 -6.59 5.07 12.07
C LEU A 165 -6.91 3.61 11.73
N MET A 166 -5.89 2.75 11.76
CA MET A 166 -6.05 1.34 11.39
C MET A 166 -7.05 0.64 12.30
N VAL A 167 -6.93 0.91 13.60
CA VAL A 167 -7.78 0.25 14.60
C VAL A 167 -9.26 0.72 14.53
N THR A 168 -9.50 2.03 14.41
CA THR A 168 -10.89 2.48 14.24
C THR A 168 -11.51 1.98 12.93
N GLU A 169 -10.69 1.80 11.89
CA GLU A 169 -11.20 1.21 10.64
C GLU A 169 -11.53 -0.27 10.86
N ALA A 170 -10.64 -0.98 11.55
CA ALA A 170 -10.79 -2.42 11.77
C ALA A 170 -11.96 -2.77 12.71
N LEU A 171 -12.25 -1.86 13.64
CA LEU A 171 -13.27 -2.07 14.66
C LEU A 171 -14.52 -1.21 14.41
N LYS A 172 -14.69 -0.77 13.17
CA LYS A 172 -15.84 0.06 12.78
C LYS A 172 -17.22 -0.42 13.30
N PRO A 173 -17.54 -1.72 13.22
CA PRO A 173 -18.84 -2.21 13.73
C PRO A 173 -19.09 -1.91 15.21
N TYR A 174 -18.03 -1.61 15.96
CA TYR A 174 -18.14 -1.37 17.39
C TYR A 174 -18.30 0.11 17.72
N SER A 175 -18.50 0.93 16.69
CA SER A 175 -18.57 2.38 16.82
C SER A 175 -20.00 2.93 16.82
N LYS A 176 -20.98 2.04 16.81
CA LYS A 176 -22.39 2.45 16.85
C LYS A 176 -22.64 3.29 18.10
N GLY A 177 -23.23 4.46 17.89
CA GLY A 177 -23.52 5.36 18.99
C GLY A 177 -22.40 6.34 19.28
N GLY A 178 -21.19 6.06 18.77
CA GLY A 178 -20.04 6.91 19.02
C GLY A 178 -19.95 8.08 18.05
N PRO A 179 -19.11 9.07 18.35
CA PRO A 179 -18.90 10.20 17.44
C PRO A 179 -18.13 9.77 16.19
N ARG A 180 -18.35 10.48 15.08
CA ARG A 180 -17.58 10.23 13.87
C ARG A 180 -16.13 10.58 14.17
N VAL A 181 -15.21 9.83 13.59
CA VAL A 181 -13.79 10.07 13.77
C VAL A 181 -13.09 10.40 12.44
N TRP A 182 -12.25 11.43 12.49
CA TRP A 182 -11.50 11.88 11.33
C TRP A 182 -10.02 11.84 11.65
N PHE A 183 -9.19 11.55 10.65
CA PHE A 183 -7.74 11.58 10.85
C PHE A 183 -7.08 12.56 9.89
N VAL A 184 -6.38 13.53 10.45
CA VAL A 184 -5.60 14.50 9.67
C VAL A 184 -4.14 14.25 10.01
N SER A 185 -3.30 14.10 8.99
CA SER A 185 -1.90 13.74 9.22
C SER A 185 -0.93 14.47 8.30
N ASN A 186 -1.21 14.43 7.01
CA ASN A 186 -0.32 15.05 6.03
C ASN A 186 -0.23 16.55 6.25
N ILE A 187 0.95 17.14 6.05
CA ILE A 187 1.05 18.60 6.03
C ILE A 187 0.32 19.15 4.80
N ASP A 188 0.29 18.37 3.72
CA ASP A 188 -0.46 18.75 2.52
C ASP A 188 -1.81 19.36 2.93
N GLY A 189 -2.00 20.64 2.60
CA GLY A 189 -3.17 21.39 3.02
C GLY A 189 -4.50 20.77 2.64
N THR A 190 -4.50 19.92 1.61
CA THR A 190 -5.68 19.16 1.21
C THR A 190 -6.28 18.39 2.38
N HIS A 191 -5.43 17.79 3.19
CA HIS A 191 -5.91 16.93 4.26
C HIS A 191 -6.78 17.70 5.28
N ILE A 192 -6.23 18.75 5.88
CA ILE A 192 -6.99 19.53 6.86
C ILE A 192 -8.14 20.30 6.20
N ALA A 193 -7.88 20.84 5.01
CA ALA A 193 -8.89 21.66 4.34
C ALA A 193 -10.16 20.88 4.02
N LYS A 194 -10.01 19.67 3.51
CA LYS A 194 -11.17 18.84 3.17
C LYS A 194 -11.89 18.33 4.40
N THR A 195 -11.15 18.09 5.46
CA THR A 195 -11.73 17.68 6.73
C THR A 195 -12.56 18.82 7.34
N LEU A 196 -11.97 20.01 7.45
CA LEU A 196 -12.65 21.16 8.06
C LEU A 196 -13.88 21.59 7.26
N ALA A 197 -13.83 21.38 5.95
CA ALA A 197 -14.96 21.69 5.06
C ALA A 197 -16.25 20.93 5.44
N SER A 198 -16.08 19.79 6.11
CA SER A 198 -17.20 18.92 6.50
C SER A 198 -17.62 19.07 7.96
N LEU A 199 -17.02 20.04 8.66
CA LEU A 199 -17.20 20.14 10.11
C LEU A 199 -17.76 21.48 10.54
N SER A 200 -18.35 21.48 11.74
CA SER A 200 -18.73 22.70 12.43
C SER A 200 -17.81 22.87 13.64
N PRO A 201 -17.29 24.08 13.84
CA PRO A 201 -16.47 24.38 15.02
C PRO A 201 -17.24 24.12 16.32
N GLU A 202 -18.57 24.24 16.28
CA GLU A 202 -19.41 24.06 17.48
C GLU A 202 -19.46 22.64 18.02
N THR A 203 -19.25 21.66 17.14
CA THR A 203 -19.49 20.26 17.52
C THR A 203 -18.30 19.36 17.22
N SER A 204 -17.13 19.96 16.96
CA SER A 204 -15.90 19.22 16.65
C SER A 204 -14.90 19.27 17.77
N LEU A 205 -14.36 18.11 18.13
CA LEU A 205 -13.32 18.02 19.15
C LEU A 205 -12.02 17.55 18.50
N PHE A 206 -10.99 18.38 18.62
CA PHE A 206 -9.66 18.08 18.09
C PHE A 206 -8.76 17.42 19.12
N ILE A 207 -8.03 16.41 18.64
CA ILE A 207 -7.09 15.66 19.46
C ILE A 207 -5.72 15.84 18.82
N ILE A 208 -4.85 16.59 19.47
CA ILE A 208 -3.52 16.81 18.95
C ILE A 208 -2.58 15.75 19.51
N ALA A 209 -2.24 14.78 18.65
CA ALA A 209 -1.47 13.62 19.05
C ALA A 209 -0.01 13.77 18.62
N SER A 210 0.88 13.89 19.58
CA SER A 210 2.30 14.09 19.29
C SER A 210 3.13 13.83 20.54
N LYS A 211 3.97 12.80 20.48
CA LYS A 211 4.89 12.49 21.58
C LYS A 211 5.75 13.69 21.98
N THR A 212 6.37 14.32 20.98
CA THR A 212 7.28 15.45 21.20
C THR A 212 6.53 16.78 21.31
N PHE A 213 5.37 16.85 20.67
CA PHE A 213 4.61 18.08 20.47
C PHE A 213 5.39 19.17 19.72
N THR A 214 6.32 18.74 18.85
CA THR A 214 7.10 19.69 18.03
C THR A 214 7.15 19.33 16.54
N THR A 215 6.60 18.17 16.19
CA THR A 215 6.59 17.70 14.79
C THR A 215 5.92 18.71 13.86
N GLN A 216 6.62 19.09 12.81
CA GLN A 216 6.17 20.20 11.96
C GLN A 216 4.76 20.01 11.40
N GLU A 217 4.49 18.84 10.81
CA GLU A 217 3.17 18.60 10.20
C GLU A 217 2.06 18.75 11.22
N THR A 218 2.26 18.15 12.39
CA THR A 218 1.22 18.09 13.43
C THR A 218 0.96 19.46 14.07
N ILE A 219 2.02 20.18 14.41
CA ILE A 219 1.85 21.50 15.01
C ILE A 219 1.25 22.50 14.01
N THR A 220 1.69 22.44 12.76
CA THR A 220 1.12 23.29 11.71
C THR A 220 -0.35 23.00 11.48
N ASN A 221 -0.70 21.71 11.32
CA ASN A 221 -2.09 21.30 11.22
C ASN A 221 -2.92 21.77 12.43
N ALA A 222 -2.35 21.61 13.63
CA ALA A 222 -3.02 21.99 14.88
C ALA A 222 -3.28 23.51 14.94
N GLU A 223 -2.30 24.29 14.50
CA GLU A 223 -2.41 25.74 14.47
C GLU A 223 -3.45 26.19 13.45
N THR A 224 -3.47 25.53 12.29
CA THR A 224 -4.50 25.78 11.28
C THR A 224 -5.91 25.48 11.81
N ALA A 225 -6.07 24.33 12.46
CA ALA A 225 -7.33 23.97 13.12
C ALA A 225 -7.76 25.00 14.16
N LYS A 226 -6.82 25.43 14.99
CA LYS A 226 -7.09 26.41 16.04
C LYS A 226 -7.51 27.76 15.47
N GLU A 227 -6.83 28.19 14.41
CA GLU A 227 -7.18 29.43 13.71
C GLU A 227 -8.60 29.38 13.15
N TRP A 228 -8.93 28.25 12.49
CA TRP A 228 -10.26 28.01 11.95
C TRP A 228 -11.30 28.04 13.08
N PHE A 229 -10.96 27.37 14.18
CA PHE A 229 -11.87 27.34 15.31
C PHE A 229 -12.09 28.75 15.89
N LEU A 230 -11.00 29.47 16.13
CA LEU A 230 -11.06 30.78 16.77
C LEU A 230 -11.73 31.86 15.92
N GLU A 231 -11.64 31.70 14.61
CA GLU A 231 -12.37 32.58 13.70
C GLU A 231 -13.88 32.52 13.96
N ALA A 232 -14.36 31.35 14.37
CA ALA A 232 -15.77 31.14 14.69
C ALA A 232 -16.10 31.46 16.13
N ALA A 233 -15.31 30.91 17.06
CA ALA A 233 -15.58 31.02 18.50
C ALA A 233 -15.21 32.38 19.08
N LYS A 234 -14.13 32.97 18.56
CA LYS A 234 -13.67 34.31 18.95
C LYS A 234 -13.42 34.46 20.46
N ASP A 235 -12.97 33.38 21.10
CA ASP A 235 -12.81 33.33 22.55
C ASP A 235 -11.80 32.25 22.91
N PRO A 236 -10.62 32.66 23.38
CA PRO A 236 -9.55 31.72 23.75
C PRO A 236 -9.96 30.67 24.78
N SER A 237 -10.85 31.00 25.70
CA SER A 237 -11.31 30.05 26.71
C SER A 237 -12.12 28.89 26.11
N ALA A 238 -12.67 29.11 24.91
CA ALA A 238 -13.44 28.09 24.19
C ALA A 238 -12.56 26.94 23.69
N VAL A 239 -11.26 27.21 23.55
CA VAL A 239 -10.29 26.20 23.11
C VAL A 239 -10.30 24.96 24.03
N ALA A 240 -10.45 25.19 25.33
CA ALA A 240 -10.50 24.09 26.30
C ALA A 240 -11.69 23.12 26.16
N LYS A 241 -12.72 23.53 25.44
CA LYS A 241 -13.88 22.66 25.19
C LYS A 241 -13.69 21.85 23.89
N HIS A 242 -12.67 22.20 23.12
CA HIS A 242 -12.53 21.69 21.75
C HIS A 242 -11.17 21.12 21.37
N PHE A 243 -10.18 21.25 22.25
CA PHE A 243 -8.84 20.78 21.96
C PHE A 243 -8.26 20.01 23.15
N VAL A 244 -7.82 18.79 22.90
CA VAL A 244 -7.07 18.01 23.90
C VAL A 244 -5.73 17.56 23.29
N ALA A 245 -4.80 17.20 24.14
CA ALA A 245 -3.46 16.82 23.69
C ALA A 245 -3.05 15.46 24.22
N LEU A 246 -2.38 14.69 23.37
CA LEU A 246 -1.80 13.41 23.76
C LEU A 246 -0.31 13.54 23.54
N SER A 247 0.46 13.53 24.62
CA SER A 247 1.87 13.92 24.54
C SER A 247 2.69 13.51 25.76
N THR A 248 4.01 13.65 25.64
CA THR A 248 4.91 13.56 26.80
C THR A 248 5.45 14.94 27.18
N ASN A 249 5.14 15.96 26.38
CA ASN A 249 5.74 17.29 26.52
C ASN A 249 4.75 18.33 27.07
N THR A 250 4.63 18.39 28.39
CA THR A 250 3.69 19.31 29.05
C THR A 250 3.93 20.77 28.69
N ALA A 251 5.20 21.17 28.65
CA ALA A 251 5.59 22.56 28.38
C ALA A 251 5.13 23.01 26.99
N LYS A 252 5.34 22.16 26.00
CA LYS A 252 4.95 22.49 24.62
C LYS A 252 3.43 22.46 24.44
N VAL A 253 2.76 21.58 25.18
CA VAL A 253 1.30 21.54 25.18
C VAL A 253 0.74 22.85 25.74
N LYS A 254 1.28 23.29 26.88
CA LYS A 254 0.89 24.57 27.49
C LYS A 254 1.16 25.74 26.56
N GLU A 255 2.32 25.72 25.90
CA GLU A 255 2.73 26.77 24.96
C GLU A 255 1.74 26.90 23.80
N PHE A 256 1.27 25.76 23.29
CA PHE A 256 0.26 25.75 22.22
C PHE A 256 -1.07 26.35 22.66
N GLY A 257 -1.36 26.29 23.97
CA GLY A 257 -2.57 26.88 24.52
C GLY A 257 -3.59 25.86 25.01
N ILE A 258 -3.12 24.64 25.27
CA ILE A 258 -3.97 23.60 25.84
C ILE A 258 -3.75 23.45 27.34
N ASP A 259 -4.85 23.41 28.08
CA ASP A 259 -4.90 23.13 29.52
C ASP A 259 -4.20 21.80 29.82
N PRO A 260 -3.25 21.77 30.76
CA PRO A 260 -2.69 20.51 31.28
C PRO A 260 -3.77 19.50 31.71
N GLN A 261 -4.94 19.99 32.11
CA GLN A 261 -6.08 19.12 32.44
C GLN A 261 -6.67 18.44 31.19
N ASN A 262 -6.40 19.02 30.03
CA ASN A 262 -6.80 18.44 28.75
C ASN A 262 -5.64 17.66 28.11
N MET A 263 -4.61 17.35 28.90
CA MET A 263 -3.47 16.58 28.40
C MET A 263 -3.50 15.15 28.89
N PHE A 264 -3.42 14.21 27.95
CA PHE A 264 -3.37 12.79 28.23
C PHE A 264 -1.93 12.34 28.02
N GLU A 265 -1.27 12.03 29.13
CA GLU A 265 0.17 11.79 29.16
C GLU A 265 0.56 10.39 28.73
N PHE A 266 1.67 10.31 28.00
CA PHE A 266 2.44 9.06 27.93
C PHE A 266 3.93 9.30 28.19
N TRP A 267 4.76 8.30 27.92
CA TRP A 267 6.14 8.30 28.43
C TRP A 267 7.16 7.97 27.35
N ASP A 268 8.43 8.31 27.59
CA ASP A 268 9.46 8.17 26.57
C ASP A 268 9.69 6.71 26.14
N TRP A 269 9.33 5.76 27.00
CA TRP A 269 9.47 4.34 26.69
C TRP A 269 8.32 3.77 25.84
N VAL A 270 7.45 4.65 25.36
CA VAL A 270 6.40 4.30 24.40
C VAL A 270 6.84 4.80 23.02
N GLY A 271 7.30 3.89 22.17
CA GLY A 271 7.64 4.24 20.80
C GLY A 271 6.41 4.64 20.02
N GLY A 272 6.53 5.58 19.10
CA GLY A 272 5.36 6.05 18.37
C GLY A 272 4.64 4.93 17.66
N ARG A 273 5.41 4.06 16.99
CA ARG A 273 4.84 2.97 16.22
C ARG A 273 4.37 1.81 17.11
N TYR A 274 4.47 2.02 18.42
CA TYR A 274 3.99 1.09 19.44
C TYR A 274 3.08 1.81 20.43
N SER A 275 2.46 2.91 19.99
CA SER A 275 1.81 3.82 20.93
C SER A 275 0.28 3.78 21.01
N LEU A 276 -0.39 3.05 20.12
CA LEU A 276 -1.86 3.05 20.12
C LEU A 276 -2.47 2.55 21.44
N TRP A 277 -1.68 1.79 22.21
CA TRP A 277 -2.08 1.23 23.52
C TRP A 277 -2.08 2.28 24.63
N SER A 278 -1.42 3.40 24.38
CA SER A 278 -1.31 4.50 25.34
C SER A 278 -2.42 5.52 25.15
N ALA A 279 -2.23 6.71 25.72
CA ALA A 279 -3.06 7.86 25.47
C ALA A 279 -3.30 8.14 23.97
N ILE A 280 -2.31 7.80 23.13
CA ILE A 280 -2.46 7.96 21.67
C ILE A 280 -3.72 7.24 21.16
N GLY A 281 -4.15 6.21 21.88
CA GLY A 281 -5.36 5.49 21.55
C GLY A 281 -6.67 6.18 21.89
N LEU A 282 -6.61 7.43 22.35
CA LEU A 282 -7.85 8.13 22.77
C LEU A 282 -8.95 8.15 21.71
N SER A 283 -8.59 8.43 20.45
CA SER A 283 -9.59 8.44 19.37
C SER A 283 -10.22 7.05 19.17
N ILE A 284 -9.46 5.97 19.42
CA ILE A 284 -10.04 4.63 19.40
C ILE A 284 -11.12 4.50 20.48
N ALA A 285 -10.74 4.79 21.73
CA ALA A 285 -11.66 4.70 22.87
C ALA A 285 -12.88 5.60 22.73
N LEU A 286 -12.72 6.80 22.17
CA LEU A 286 -13.86 7.67 21.95
C LEU A 286 -14.80 7.10 20.89
N HIS A 287 -14.23 6.53 19.83
CA HIS A 287 -15.01 6.00 18.72
C HIS A 287 -15.79 4.73 19.06
N VAL A 288 -15.11 3.75 19.67
CA VAL A 288 -15.72 2.44 19.93
C VAL A 288 -16.12 2.22 21.40
N GLY A 289 -15.72 3.15 22.26
CA GLY A 289 -15.99 3.02 23.68
C GLY A 289 -14.81 2.49 24.46
N PHE A 290 -14.69 2.94 25.70
CA PHE A 290 -13.56 2.54 26.52
C PHE A 290 -13.54 1.04 26.82
N ASP A 291 -14.71 0.43 26.98
CA ASP A 291 -14.79 -1.02 27.25
C ASP A 291 -14.12 -1.80 26.11
N HIS A 292 -14.39 -1.41 24.87
CA HIS A 292 -13.79 -2.07 23.71
C HIS A 292 -12.29 -1.77 23.62
N PHE A 293 -11.89 -0.57 24.03
CA PHE A 293 -10.46 -0.23 24.09
C PHE A 293 -9.75 -1.13 25.11
N GLU A 294 -10.41 -1.35 26.25
CA GLU A 294 -9.87 -2.24 27.29
C GLU A 294 -9.75 -3.67 26.79
N GLN A 295 -10.69 -4.10 25.95
CA GLN A 295 -10.66 -5.45 25.37
C GLN A 295 -9.48 -5.57 24.40
N LEU A 296 -9.27 -4.53 23.60
CA LEU A 296 -8.09 -4.45 22.73
C LEU A 296 -6.78 -4.62 23.53
N LEU A 297 -6.65 -3.88 24.63
CA LEU A 297 -5.50 -3.97 25.52
C LEU A 297 -5.37 -5.39 26.07
N SER A 298 -6.50 -5.99 26.42
CA SER A 298 -6.50 -7.32 27.05
C SER A 298 -6.04 -8.40 26.09
N GLY A 299 -6.43 -8.26 24.81
CA GLY A 299 -5.98 -9.16 23.76
C GLY A 299 -4.47 -9.10 23.58
N ALA A 300 -3.94 -7.88 23.55
CA ALA A 300 -2.48 -7.68 23.51
C ALA A 300 -1.81 -8.32 24.71
N HIS A 301 -2.40 -8.13 25.89
CA HIS A 301 -1.86 -8.71 27.12
C HIS A 301 -1.82 -10.24 27.05
N TRP A 302 -2.85 -10.86 26.48
CA TRP A 302 -2.86 -12.31 26.30
C TRP A 302 -1.67 -12.75 25.46
N MET A 303 -1.46 -12.06 24.33
CA MET A 303 -0.36 -12.37 23.42
C MET A 303 1.00 -12.09 24.06
N ASP A 304 1.07 -11.04 24.89
CA ASP A 304 2.29 -10.73 25.64
C ASP A 304 2.67 -11.92 26.52
N GLN A 305 1.68 -12.44 27.24
CA GLN A 305 1.88 -13.57 28.14
C GLN A 305 2.24 -14.84 27.38
N HIS A 306 1.63 -15.03 26.22
CA HIS A 306 1.98 -16.13 25.32
C HIS A 306 3.45 -16.06 24.91
N PHE A 307 3.90 -14.87 24.50
CA PHE A 307 5.28 -14.63 24.07
C PHE A 307 6.26 -14.85 25.23
N LEU A 308 5.86 -14.42 26.43
CA LEU A 308 6.70 -14.47 27.63
C LEU A 308 6.89 -15.89 28.19
N LYS A 309 5.85 -16.70 28.10
CA LYS A 309 5.81 -17.96 28.86
C LYS A 309 5.95 -19.25 28.05
N THR A 310 5.86 -19.15 26.73
CA THR A 310 5.79 -20.31 25.86
C THR A 310 7.16 -20.72 25.32
N PRO A 311 7.48 -22.02 25.33
CA PRO A 311 8.76 -22.50 24.76
C PRO A 311 8.85 -22.05 23.30
N LEU A 312 10.05 -21.71 22.87
CA LEU A 312 10.27 -21.08 21.57
C LEU A 312 9.69 -21.88 20.38
N GLU A 313 9.74 -23.20 20.48
CA GLU A 313 9.27 -24.07 19.41
C GLU A 313 7.75 -24.05 19.21
N LYS A 314 7.03 -23.50 20.18
CA LYS A 314 5.56 -23.42 20.12
C LYS A 314 5.06 -21.98 20.29
N ASN A 315 5.97 -21.02 20.13
CA ASN A 315 5.74 -19.61 20.44
C ASN A 315 5.47 -18.83 19.15
N ALA A 316 4.21 -18.39 18.97
CA ALA A 316 3.77 -17.85 17.68
C ALA A 316 4.61 -16.71 17.09
N PRO A 317 4.83 -15.59 17.79
CA PRO A 317 5.67 -14.52 17.24
C PRO A 317 7.10 -14.98 16.95
N VAL A 318 7.66 -15.87 17.77
CA VAL A 318 9.00 -16.39 17.55
C VAL A 318 9.06 -17.18 16.24
N LEU A 319 8.09 -18.08 16.03
CA LEU A 319 8.05 -18.87 14.80
C LEU A 319 7.86 -18.00 13.56
N LEU A 320 6.95 -17.04 13.62
CA LEU A 320 6.79 -16.10 12.50
C LEU A 320 8.11 -15.37 12.24
N ALA A 321 8.77 -14.93 13.30
CA ALA A 321 10.05 -14.23 13.17
C ALA A 321 11.10 -15.12 12.51
N LEU A 322 11.19 -16.37 12.96
CA LEU A 322 12.18 -17.31 12.44
C LEU A 322 11.95 -17.65 10.97
N LEU A 323 10.68 -17.81 10.56
CA LEU A 323 10.36 -18.05 9.16
C LEU A 323 10.79 -16.87 8.30
N GLY A 324 10.56 -15.67 8.80
CA GLY A 324 11.05 -14.45 8.16
C GLY A 324 12.56 -14.42 7.97
N ILE A 325 13.30 -14.78 9.02
CA ILE A 325 14.78 -14.86 8.95
C ILE A 325 15.23 -15.82 7.85
N TRP A 326 14.60 -16.99 7.83
CA TRP A 326 14.82 -18.00 6.79
C TRP A 326 14.67 -17.40 5.38
N TYR A 327 13.57 -16.68 5.14
CA TYR A 327 13.34 -16.13 3.80
C TYR A 327 14.23 -14.93 3.50
N ILE A 328 14.49 -14.11 4.52
CA ILE A 328 15.29 -12.90 4.34
C ILE A 328 16.79 -13.23 4.21
N ASN A 329 17.32 -13.95 5.20
CA ASN A 329 18.76 -14.16 5.29
C ASN A 329 19.30 -15.40 4.56
N CYS A 330 18.41 -16.35 4.24
CA CYS A 330 18.83 -17.51 3.48
C CYS A 330 18.36 -17.46 2.02
N TYR A 331 17.07 -17.17 1.81
CA TYR A 331 16.54 -17.04 0.45
C TYR A 331 16.76 -15.66 -0.20
N GLY A 332 16.97 -14.64 0.62
CA GLY A 332 17.20 -13.29 0.11
C GLY A 332 15.96 -12.56 -0.40
N CYS A 333 14.79 -12.87 0.14
CA CYS A 333 13.55 -12.19 -0.25
C CYS A 333 13.48 -10.78 0.33
N GLU A 334 13.35 -9.77 -0.53
CA GLU A 334 13.30 -8.38 -0.08
C GLU A 334 12.01 -8.02 0.66
N THR A 335 10.92 -8.68 0.31
CA THR A 335 9.61 -8.24 0.76
C THR A 335 8.83 -9.27 1.60
N HIS A 336 7.81 -8.76 2.28
CA HIS A 336 6.88 -9.57 3.04
C HIS A 336 5.49 -8.97 2.84
N ALA A 337 4.58 -9.76 2.30
CA ALA A 337 3.23 -9.31 1.99
C ALA A 337 2.25 -9.69 3.09
N LEU A 338 1.45 -8.71 3.50
CA LEU A 338 0.36 -8.95 4.45
C LEU A 338 -0.96 -8.78 3.73
N LEU A 339 -1.72 -9.87 3.68
CA LEU A 339 -2.92 -9.93 2.84
C LEU A 339 -4.16 -10.34 3.66
N PRO A 340 -4.76 -9.40 4.39
CA PRO A 340 -5.93 -9.73 5.21
C PRO A 340 -7.18 -9.81 4.34
N TYR A 341 -7.92 -10.91 4.47
CA TYR A 341 -9.13 -11.09 3.69
C TYR A 341 -10.28 -10.46 4.45
N ASP A 342 -10.20 -9.14 4.60
CA ASP A 342 -11.10 -8.40 5.45
C ASP A 342 -11.00 -6.92 5.10
N GLN A 343 -12.09 -6.36 4.61
CA GLN A 343 -12.18 -4.95 4.22
C GLN A 343 -11.97 -4.01 5.40
N TYR A 344 -12.47 -4.37 6.58
CA TYR A 344 -12.23 -3.58 7.78
C TYR A 344 -10.73 -3.46 8.11
N MET A 345 -9.97 -4.52 7.80
CA MET A 345 -8.52 -4.52 7.98
C MET A 345 -7.73 -3.86 6.83
N HIS A 346 -8.37 -2.96 6.08
CA HIS A 346 -7.76 -2.40 4.88
C HIS A 346 -6.49 -1.56 5.10
N ARG A 347 -6.27 -1.12 6.35
CA ARG A 347 -5.05 -0.37 6.70
C ARG A 347 -4.09 -1.15 7.59
N PHE A 348 -4.36 -2.44 7.79
CA PHE A 348 -3.49 -3.33 8.56
C PHE A 348 -2.09 -3.46 7.96
N ALA A 349 -2.02 -3.71 6.65
CA ALA A 349 -0.73 -3.81 5.96
C ALA A 349 0.06 -2.49 6.07
N ALA A 350 -0.61 -1.37 5.86
CA ALA A 350 0.03 -0.06 5.98
C ALA A 350 0.57 0.20 7.38
N TYR A 351 -0.18 -0.22 8.39
CA TYR A 351 0.23 -0.07 9.77
C TYR A 351 1.54 -0.81 10.03
N PHE A 352 1.61 -2.07 9.61
CA PHE A 352 2.83 -2.84 9.85
C PHE A 352 3.94 -2.53 8.87
N GLN A 353 3.60 -1.92 7.74
CA GLN A 353 4.61 -1.33 6.90
C GLN A 353 5.43 -0.34 7.74
N GLN A 354 4.76 0.50 8.52
CA GLN A 354 5.48 1.34 9.48
C GLN A 354 6.10 0.56 10.63
N GLY A 355 5.30 -0.29 11.29
CA GLY A 355 5.77 -0.98 12.49
C GLY A 355 7.02 -1.79 12.25
N ASP A 356 7.05 -2.50 11.13
CA ASP A 356 8.15 -3.39 10.77
C ASP A 356 9.33 -2.56 10.22
N MET A 357 9.08 -1.79 9.17
CA MET A 357 10.15 -1.08 8.46
C MET A 357 10.85 0.03 9.25
N GLU A 358 10.09 0.75 10.07
CA GLU A 358 10.70 1.78 10.91
C GLU A 358 11.48 1.15 12.07
N SER A 359 11.06 -0.03 12.49
CA SER A 359 11.76 -0.78 13.55
C SER A 359 13.05 -1.39 13.04
N ASN A 360 12.95 -2.13 11.93
CA ASN A 360 14.05 -2.99 11.52
C ASN A 360 14.77 -2.59 10.22
N GLY A 361 14.40 -1.42 9.69
CA GLY A 361 15.13 -0.83 8.58
C GLY A 361 16.38 -0.17 9.11
N LYS A 362 17.37 -0.99 9.48
CA LYS A 362 18.56 -0.53 10.21
C LYS A 362 19.81 -1.19 9.65
N TYR A 363 20.96 -0.56 9.84
CA TYR A 363 22.20 -1.21 9.40
C TYR A 363 23.39 -1.18 10.37
N ILE A 364 23.19 -0.66 11.57
CA ILE A 364 24.23 -0.67 12.60
C ILE A 364 23.79 -1.56 13.77
N THR A 365 24.70 -2.43 14.22
CA THR A 365 24.40 -3.34 15.32
C THR A 365 24.79 -2.77 16.69
N LYS A 366 24.37 -3.48 17.73
CA LYS A 366 24.68 -3.10 19.12
C LYS A 366 26.18 -2.90 19.34
N SER A 367 27.00 -3.68 18.64
CA SER A 367 28.47 -3.60 18.78
C SER A 367 29.09 -2.44 17.99
N GLY A 368 28.27 -1.73 17.20
CA GLY A 368 28.75 -0.65 16.37
C GLY A 368 29.12 -1.09 14.97
N ALA A 369 29.03 -2.39 14.73
CA ALA A 369 29.35 -2.96 13.42
C ALA A 369 28.27 -2.69 12.38
N ARG A 370 28.71 -2.46 11.15
CA ARG A 370 27.79 -2.38 10.03
C ARG A 370 27.39 -3.80 9.65
N VAL A 371 26.09 -4.03 9.50
CA VAL A 371 25.61 -5.37 9.13
C VAL A 371 26.18 -5.78 7.77
N ASP A 372 26.56 -7.06 7.66
CA ASP A 372 26.95 -7.65 6.39
C ASP A 372 25.93 -8.70 5.94
N HIS A 373 24.68 -8.44 6.28
CA HIS A 373 23.54 -9.30 5.94
C HIS A 373 22.30 -8.40 5.86
N GLN A 374 21.23 -8.93 5.30
CA GLN A 374 19.97 -8.21 5.21
C GLN A 374 19.31 -8.02 6.59
N THR A 375 18.61 -6.90 6.76
CA THR A 375 17.75 -6.70 7.92
C THR A 375 16.30 -6.64 7.46
N GLY A 376 15.51 -5.69 7.99
CA GLY A 376 14.07 -5.66 7.77
C GLY A 376 13.63 -5.72 6.31
N PRO A 377 12.52 -6.41 6.02
CA PRO A 377 12.00 -6.47 4.66
C PRO A 377 11.12 -5.29 4.33
N ILE A 378 10.81 -5.11 3.06
CA ILE A 378 9.80 -4.16 2.63
C ILE A 378 8.45 -4.87 2.81
N VAL A 379 7.59 -4.24 3.62
CA VAL A 379 6.28 -4.80 3.96
C VAL A 379 5.24 -4.06 3.12
N TRP A 380 4.31 -4.82 2.55
CA TRP A 380 3.30 -4.26 1.65
C TRP A 380 2.08 -5.18 1.61
N GLY A 381 1.02 -4.72 0.94
CA GLY A 381 -0.15 -5.54 0.75
C GLY A 381 -1.44 -4.75 0.62
N GLU A 382 -2.49 -5.43 0.15
CA GLU A 382 -3.84 -4.90 0.08
C GLU A 382 -4.78 -6.02 0.50
N PRO A 383 -5.98 -5.71 0.98
CA PRO A 383 -6.91 -6.77 1.41
C PRO A 383 -7.39 -7.64 0.25
N GLY A 384 -7.60 -8.93 0.52
CA GLY A 384 -8.23 -9.82 -0.44
C GLY A 384 -9.73 -9.62 -0.39
N THR A 385 -10.45 -9.88 -1.48
CA THR A 385 -9.91 -10.51 -2.70
C THR A 385 -9.33 -9.54 -3.71
N ASN A 386 -9.42 -8.25 -3.45
CA ASN A 386 -8.99 -7.24 -4.41
C ASN A 386 -7.58 -7.48 -4.96
N GLY A 387 -6.65 -7.82 -4.06
CA GLY A 387 -5.29 -8.15 -4.45
C GLY A 387 -5.20 -9.17 -5.56
N GLN A 388 -6.06 -10.19 -5.52
CA GLN A 388 -6.12 -11.24 -6.55
C GLN A 388 -6.29 -10.67 -7.95
N HIS A 389 -6.92 -9.51 -8.03
CA HIS A 389 -7.23 -8.87 -9.30
C HIS A 389 -6.26 -7.73 -9.60
N ALA A 390 -5.33 -7.49 -8.67
CA ALA A 390 -4.37 -6.41 -8.85
C ALA A 390 -2.94 -6.91 -9.08
N PHE A 391 -2.38 -7.64 -8.12
CA PHE A 391 -0.96 -7.97 -8.18
C PHE A 391 -0.63 -9.47 -7.98
N TYR A 392 -1.64 -10.30 -7.72
CA TYR A 392 -1.37 -11.72 -7.52
C TYR A 392 -0.81 -12.37 -8.77
N GLN A 393 -1.08 -11.77 -9.95
CA GLN A 393 -0.46 -12.24 -11.18
C GLN A 393 1.06 -12.39 -10.99
N LEU A 394 1.67 -11.38 -10.37
CA LEU A 394 3.11 -11.37 -10.16
C LEU A 394 3.53 -12.39 -9.10
N ILE A 395 2.74 -12.52 -8.02
CA ILE A 395 3.03 -13.49 -6.97
C ILE A 395 3.03 -14.92 -7.53
N HIS A 396 2.07 -15.21 -8.42
CA HIS A 396 1.93 -16.53 -9.03
C HIS A 396 2.94 -16.81 -10.14
N GLN A 397 3.19 -15.82 -10.99
CA GLN A 397 3.91 -16.06 -12.26
C GLN A 397 5.03 -15.07 -12.55
N GLY A 398 5.43 -14.30 -11.54
CA GLY A 398 6.57 -13.40 -11.66
C GLY A 398 7.89 -14.08 -11.36
N THR A 399 8.94 -13.28 -11.19
CA THR A 399 10.27 -13.81 -10.95
C THR A 399 10.75 -13.53 -9.53
N LYS A 400 9.82 -13.24 -8.63
CA LYS A 400 10.14 -12.86 -7.25
C LYS A 400 9.58 -13.89 -6.28
N MET A 401 10.37 -14.22 -5.26
CA MET A 401 9.84 -14.98 -4.13
C MET A 401 9.31 -14.02 -3.07
N ILE A 402 8.03 -14.18 -2.71
CA ILE A 402 7.35 -13.26 -1.80
C ILE A 402 6.62 -14.02 -0.70
N PRO A 403 7.22 -14.12 0.48
CA PRO A 403 6.49 -14.69 1.62
C PRO A 403 5.22 -13.86 1.87
N CYS A 404 4.08 -14.54 2.00
CA CYS A 404 2.80 -13.86 2.25
C CYS A 404 2.16 -14.40 3.51
N ASP A 405 1.64 -13.50 4.33
CA ASP A 405 0.72 -13.89 5.41
C ASP A 405 -0.70 -13.58 4.95
N PHE A 406 -1.51 -14.62 4.84
CA PHE A 406 -2.93 -14.52 4.55
C PHE A 406 -3.69 -14.54 5.90
N LEU A 407 -4.54 -13.53 6.13
CA LEU A 407 -5.28 -13.43 7.39
C LEU A 407 -6.79 -13.35 7.15
N ILE A 408 -7.59 -13.99 8.01
CA ILE A 408 -9.05 -13.91 7.89
C ILE A 408 -9.79 -14.29 9.19
N PRO A 409 -10.87 -13.58 9.53
CA PRO A 409 -11.80 -14.06 10.56
C PRO A 409 -12.77 -15.12 10.02
N VAL A 410 -13.02 -16.16 10.82
CA VAL A 410 -13.99 -17.19 10.47
C VAL A 410 -15.39 -16.57 10.40
N GLN A 411 -15.73 -15.77 11.41
CA GLN A 411 -17.03 -15.11 11.48
C GLN A 411 -16.94 -13.69 10.95
N THR A 412 -17.86 -13.35 10.05
CA THR A 412 -17.94 -11.99 9.52
C THR A 412 -18.85 -11.11 10.39
N GLN A 413 -18.54 -9.82 10.41
CA GLN A 413 -19.35 -8.81 11.09
C GLN A 413 -20.64 -8.55 10.32
N HIS A 414 -20.67 -8.98 9.05
CA HIS A 414 -21.82 -8.72 8.17
C HIS A 414 -22.22 -9.97 7.39
N PRO A 415 -22.89 -10.92 8.05
CA PRO A 415 -23.25 -12.18 7.41
C PRO A 415 -24.46 -12.05 6.48
N ILE A 416 -24.34 -11.13 5.52
CA ILE A 416 -25.41 -10.86 4.56
C ILE A 416 -25.64 -12.03 3.62
N ARG A 417 -26.81 -12.05 2.98
CA ARG A 417 -27.22 -13.10 2.04
C ARG A 417 -27.00 -14.48 2.64
N LYS A 418 -27.38 -14.65 3.91
CA LYS A 418 -27.24 -15.93 4.63
C LYS A 418 -25.79 -16.47 4.61
N GLY A 419 -24.83 -15.55 4.58
CA GLY A 419 -23.42 -15.92 4.63
C GLY A 419 -22.75 -16.15 3.29
N LEU A 420 -23.45 -15.85 2.19
CA LEU A 420 -22.94 -16.14 0.85
C LEU A 420 -21.63 -15.42 0.54
N HIS A 421 -21.57 -14.13 0.86
CA HIS A 421 -20.37 -13.34 0.57
C HIS A 421 -19.17 -13.89 1.34
N HIS A 422 -19.37 -14.21 2.62
CA HIS A 422 -18.27 -14.71 3.42
C HIS A 422 -17.81 -16.11 3.00
N LYS A 423 -18.74 -16.94 2.55
CA LYS A 423 -18.41 -18.25 1.99
C LYS A 423 -17.42 -18.10 0.83
N ILE A 424 -17.74 -17.18 -0.08
CA ILE A 424 -16.89 -16.92 -1.25
C ILE A 424 -15.54 -16.35 -0.84
N LEU A 425 -15.55 -15.44 0.12
CA LEU A 425 -14.32 -14.84 0.64
C LEU A 425 -13.41 -15.92 1.25
N LEU A 426 -14.00 -16.77 2.08
CA LEU A 426 -13.26 -17.88 2.68
C LEU A 426 -12.72 -18.84 1.64
N ALA A 427 -13.53 -19.18 0.65
CA ALA A 427 -13.09 -20.05 -0.45
C ALA A 427 -11.86 -19.51 -1.19
N ASN A 428 -11.85 -18.21 -1.45
CA ASN A 428 -10.70 -17.57 -2.10
C ASN A 428 -9.45 -17.54 -1.23
N PHE A 429 -9.64 -17.22 0.04
CA PHE A 429 -8.57 -17.23 1.05
C PHE A 429 -7.82 -18.58 1.02
N LEU A 430 -8.61 -19.66 1.03
CA LEU A 430 -8.07 -21.02 1.10
C LEU A 430 -7.44 -21.43 -0.23
N ALA A 431 -8.16 -21.14 -1.31
CA ALA A 431 -7.76 -21.55 -2.64
C ALA A 431 -6.46 -20.88 -3.08
N GLN A 432 -6.30 -19.61 -2.71
CA GLN A 432 -5.10 -18.89 -3.13
C GLN A 432 -3.80 -19.48 -2.56
N THR A 433 -3.80 -19.82 -1.28
CA THR A 433 -2.57 -20.39 -0.69
C THR A 433 -2.37 -21.81 -1.20
N GLU A 434 -3.47 -22.53 -1.40
CA GLU A 434 -3.41 -23.86 -2.02
C GLU A 434 -2.75 -23.76 -3.41
N ALA A 435 -3.21 -22.80 -4.21
CA ALA A 435 -2.69 -22.56 -5.56
C ALA A 435 -1.20 -22.19 -5.57
N LEU A 436 -0.81 -21.30 -4.65
CA LEU A 436 0.57 -20.83 -4.54
C LEU A 436 1.49 -21.98 -4.19
N MET A 437 1.00 -22.87 -3.32
CA MET A 437 1.71 -24.06 -2.90
C MET A 437 1.84 -25.07 -4.06
N LYS A 438 0.70 -25.44 -4.63
CA LYS A 438 0.58 -26.56 -5.58
C LYS A 438 1.11 -26.23 -6.98
N GLY A 439 0.78 -25.04 -7.46
CA GLY A 439 1.02 -24.67 -8.85
C GLY A 439 0.26 -25.58 -9.81
N LYS A 440 0.75 -25.65 -11.04
CA LYS A 440 0.13 -26.45 -12.08
C LYS A 440 1.20 -26.89 -13.07
N LEU A 441 1.45 -28.20 -13.13
CA LEU A 441 2.51 -28.77 -13.95
C LEU A 441 2.18 -28.68 -15.44
N PRO A 442 3.20 -28.62 -16.30
CA PRO A 442 3.00 -28.60 -17.75
C PRO A 442 1.99 -29.66 -18.21
N GLU A 443 2.14 -30.90 -17.72
CA GLU A 443 1.24 -31.98 -18.09
C GLU A 443 -0.19 -31.76 -17.62
N GLU A 444 -0.33 -31.12 -16.45
CA GLU A 444 -1.66 -30.77 -15.94
C GLU A 444 -2.31 -29.69 -16.80
N ALA A 445 -1.54 -28.67 -17.17
CA ALA A 445 -2.02 -27.62 -18.08
C ALA A 445 -2.28 -28.16 -19.49
N ARG A 446 -1.44 -29.09 -19.94
CA ARG A 446 -1.61 -29.74 -21.25
C ARG A 446 -2.95 -30.48 -21.34
N LYS A 447 -3.26 -31.27 -20.30
CA LYS A 447 -4.53 -31.99 -20.23
C LYS A 447 -5.71 -31.04 -20.24
N GLU A 448 -5.58 -29.91 -19.53
CA GLU A 448 -6.63 -28.90 -19.48
C GLU A 448 -6.90 -28.29 -20.86
N LEU A 449 -5.83 -27.95 -21.58
CA LEU A 449 -5.93 -27.37 -22.90
C LEU A 449 -6.46 -28.37 -23.93
N GLN A 450 -6.05 -29.64 -23.79
CA GLN A 450 -6.57 -30.73 -24.61
C GLN A 450 -8.08 -30.88 -24.44
N ALA A 451 -8.55 -30.82 -23.19
CA ALA A 451 -9.97 -30.91 -22.88
C ALA A 451 -10.76 -29.69 -23.32
N ALA A 452 -10.09 -28.52 -23.37
CA ALA A 452 -10.72 -27.27 -23.76
C ALA A 452 -10.99 -27.19 -25.27
N GLY A 453 -10.36 -28.08 -26.03
CA GLY A 453 -10.58 -28.19 -27.47
C GLY A 453 -9.55 -27.48 -28.31
N LYS A 454 -8.38 -27.22 -27.74
CA LYS A 454 -7.32 -26.50 -28.43
C LYS A 454 -6.56 -27.40 -29.42
N SER A 455 -6.27 -26.85 -30.59
CA SER A 455 -5.51 -27.56 -31.63
C SER A 455 -4.06 -27.74 -31.18
N PRO A 456 -3.40 -28.81 -31.65
CA PRO A 456 -1.98 -29.04 -31.36
C PRO A 456 -1.08 -27.80 -31.50
N GLU A 457 -1.37 -26.93 -32.48
CA GLU A 457 -0.59 -25.72 -32.68
C GLU A 457 -0.88 -24.67 -31.61
N ASP A 458 -2.17 -24.44 -31.35
CA ASP A 458 -2.61 -23.46 -30.36
C ASP A 458 -2.25 -23.89 -28.94
N LEU A 459 -2.37 -25.20 -28.68
CA LEU A 459 -2.02 -25.78 -27.38
C LEU A 459 -0.54 -25.54 -27.06
N GLU A 460 0.33 -25.89 -27.99
CA GLU A 460 1.78 -25.77 -27.83
C GLU A 460 2.21 -24.31 -27.64
N LYS A 461 1.54 -23.42 -28.36
CA LYS A 461 1.78 -21.97 -28.26
C LYS A 461 1.42 -21.45 -26.86
N LEU A 462 0.27 -21.89 -26.36
CA LEU A 462 -0.30 -21.38 -25.12
C LEU A 462 0.29 -22.04 -23.87
N LEU A 463 0.72 -23.29 -24.00
CA LEU A 463 1.08 -24.14 -22.85
C LEU A 463 1.99 -23.50 -21.78
N PRO A 464 3.18 -23.02 -22.15
CA PRO A 464 4.12 -22.53 -21.12
C PRO A 464 3.54 -21.36 -20.33
N HIS A 465 2.69 -20.55 -20.97
CA HIS A 465 2.01 -19.42 -20.33
C HIS A 465 0.99 -19.85 -19.27
N LYS A 466 0.51 -21.08 -19.37
CA LYS A 466 -0.54 -21.60 -18.49
C LYS A 466 0.04 -22.42 -17.34
N VAL A 467 1.36 -22.51 -17.30
CA VAL A 467 2.06 -23.28 -16.29
C VAL A 467 2.31 -22.42 -15.05
N PHE A 468 2.00 -22.98 -13.88
CA PHE A 468 2.29 -22.34 -12.60
C PHE A 468 3.34 -23.18 -11.88
N GLU A 469 4.51 -22.61 -11.65
CA GLU A 469 5.61 -23.34 -11.01
C GLU A 469 5.33 -23.65 -9.53
N GLY A 470 4.49 -22.84 -8.90
CA GLY A 470 4.11 -23.05 -7.51
C GLY A 470 5.28 -22.97 -6.55
N ASN A 471 5.24 -23.80 -5.49
CA ASN A 471 6.26 -23.78 -4.45
C ASN A 471 6.40 -22.41 -3.79
N ARG A 472 5.30 -21.66 -3.76
CA ARG A 472 5.29 -20.32 -3.19
C ARG A 472 4.73 -20.36 -1.78
N PRO A 473 5.58 -20.09 -0.77
CA PRO A 473 5.22 -20.31 0.63
C PRO A 473 4.34 -19.23 1.23
N THR A 474 3.40 -19.65 2.08
CA THR A 474 2.51 -18.72 2.80
C THR A 474 2.33 -19.11 4.26
N ASN A 475 1.96 -18.12 5.06
CA ASN A 475 1.33 -18.36 6.35
C ASN A 475 -0.17 -18.12 6.20
N SER A 476 -0.98 -18.96 6.83
CA SER A 476 -2.41 -18.68 7.01
C SER A 476 -2.72 -18.46 8.47
N ILE A 477 -3.23 -17.27 8.78
CA ILE A 477 -3.58 -16.89 10.14
C ILE A 477 -5.09 -16.69 10.18
N VAL A 478 -5.78 -17.61 10.85
CA VAL A 478 -7.24 -17.62 10.89
C VAL A 478 -7.69 -17.50 12.34
N PHE A 479 -8.68 -16.65 12.58
CA PHE A 479 -9.15 -16.37 13.94
C PHE A 479 -10.68 -16.39 14.01
N THR A 480 -11.23 -16.71 15.18
CA THR A 480 -12.67 -16.92 15.32
C THR A 480 -13.48 -15.73 14.78
N LYS A 481 -13.08 -14.53 15.17
CA LYS A 481 -13.77 -13.30 14.79
C LYS A 481 -12.85 -12.12 15.03
N LEU A 482 -12.96 -11.08 14.21
CA LEU A 482 -12.15 -9.90 14.47
C LEU A 482 -12.83 -8.96 15.48
N THR A 483 -12.74 -9.34 16.75
CA THR A 483 -13.21 -8.55 17.88
C THR A 483 -12.06 -7.62 18.32
N PRO A 484 -12.35 -6.63 19.17
CA PRO A 484 -11.28 -5.80 19.75
C PRO A 484 -10.21 -6.66 20.44
N PHE A 485 -10.63 -7.68 21.20
CA PHE A 485 -9.68 -8.57 21.86
C PHE A 485 -8.77 -9.29 20.87
N ILE A 486 -9.36 -9.91 19.84
CA ILE A 486 -8.57 -10.69 18.90
C ILE A 486 -7.64 -9.78 18.08
N LEU A 487 -8.13 -8.58 17.72
CA LEU A 487 -7.28 -7.61 17.03
C LEU A 487 -6.08 -7.21 17.88
N GLY A 488 -6.30 -6.96 19.16
CA GLY A 488 -5.23 -6.63 20.08
C GLY A 488 -4.18 -7.72 20.12
N ALA A 489 -4.65 -8.97 20.13
CA ALA A 489 -3.74 -10.13 20.14
C ALA A 489 -2.92 -10.22 18.85
N LEU A 490 -3.55 -9.97 17.71
CA LEU A 490 -2.88 -10.03 16.41
C LEU A 490 -1.83 -8.94 16.25
N ILE A 491 -2.16 -7.72 16.68
CA ILE A 491 -1.20 -6.62 16.58
C ILE A 491 0.02 -6.92 17.45
N ALA A 492 -0.22 -7.34 18.69
CA ALA A 492 0.85 -7.68 19.61
C ALA A 492 1.73 -8.82 19.08
N MET A 493 1.12 -9.79 18.42
CA MET A 493 1.84 -10.91 17.84
C MET A 493 2.90 -10.42 16.84
N TYR A 494 2.51 -9.53 15.94
CA TYR A 494 3.44 -8.95 14.97
C TYR A 494 4.46 -8.02 15.61
N GLU A 495 4.06 -7.27 16.64
CA GLU A 495 5.02 -6.46 17.41
C GLU A 495 6.16 -7.36 17.93
N HIS A 496 5.80 -8.50 18.50
CA HIS A 496 6.82 -9.39 19.05
C HIS A 496 7.61 -10.14 17.98
N LYS A 497 6.98 -10.43 16.84
CA LYS A 497 7.71 -10.94 15.69
C LYS A 497 8.84 -9.98 15.32
N ILE A 498 8.48 -8.70 15.20
CA ILE A 498 9.43 -7.65 14.85
C ILE A 498 10.56 -7.58 15.90
N PHE A 499 10.19 -7.64 17.18
CA PHE A 499 11.16 -7.68 18.28
C PHE A 499 12.18 -8.82 18.10
N VAL A 500 11.68 -10.04 17.90
CA VAL A 500 12.56 -11.21 17.79
C VAL A 500 13.52 -11.07 16.60
N GLN A 501 13.01 -10.62 15.45
CA GLN A 501 13.90 -10.43 14.29
C GLN A 501 15.02 -9.42 14.59
N GLY A 502 14.66 -8.31 15.24
CA GLY A 502 15.61 -7.29 15.63
C GLY A 502 16.70 -7.81 16.56
N ILE A 503 16.32 -8.59 17.55
CA ILE A 503 17.31 -9.18 18.47
C ILE A 503 18.26 -10.08 17.70
N MET A 504 17.72 -10.93 16.83
CA MET A 504 18.54 -11.85 16.06
C MET A 504 19.53 -11.15 15.13
N TRP A 505 19.13 -10.00 14.57
CA TRP A 505 20.00 -9.18 13.74
C TRP A 505 20.95 -8.27 14.55
N ASP A 506 20.74 -8.22 15.86
CA ASP A 506 21.57 -7.41 16.78
C ASP A 506 21.42 -5.92 16.53
N ILE A 507 20.24 -5.51 16.07
CA ILE A 507 19.96 -4.11 15.80
C ILE A 507 18.99 -3.57 16.85
N ASN A 508 18.85 -2.25 16.89
CA ASN A 508 17.91 -1.61 17.81
C ASN A 508 16.57 -1.41 17.10
N SER A 509 15.58 -2.21 17.47
CA SER A 509 14.25 -2.10 16.83
C SER A 509 13.49 -0.84 17.21
N PHE A 510 14.03 -0.07 18.15
CA PHE A 510 13.23 0.92 18.86
C PHE A 510 13.65 2.38 18.71
N ASP A 511 14.74 2.62 17.98
CA ASP A 511 15.09 3.98 17.59
C ASP A 511 14.70 4.23 16.13
N GLN A 512 14.95 5.45 15.63
CA GLN A 512 14.60 5.80 14.25
C GLN A 512 15.38 7.04 13.80
N TRP A 513 16.70 6.90 13.73
CA TRP A 513 17.57 8.01 13.37
C TRP A 513 17.34 8.52 11.95
N GLY A 514 16.83 7.66 11.07
CA GLY A 514 16.43 8.10 9.73
C GLY A 514 15.20 8.99 9.77
N VAL A 515 14.28 8.70 10.68
CA VAL A 515 13.07 9.52 10.86
C VAL A 515 13.44 10.84 11.53
N GLU A 516 14.36 10.77 12.50
CA GLU A 516 14.88 11.97 13.15
C GLU A 516 15.62 12.87 12.15
N LEU A 517 16.35 12.25 11.22
CA LEU A 517 17.02 13.00 10.15
C LEU A 517 15.99 13.79 9.38
N GLY A 518 14.90 13.12 8.98
CA GLY A 518 13.85 13.73 8.18
C GLY A 518 13.37 15.04 8.76
N LYS A 519 13.08 15.02 10.06
CA LYS A 519 12.59 16.18 10.80
C LYS A 519 13.58 17.36 10.89
N GLN A 520 14.80 17.16 10.39
CA GLN A 520 15.83 18.20 10.39
C GLN A 520 16.07 18.79 8.98
N LEU A 521 15.40 18.23 7.97
CA LEU A 521 15.77 18.48 6.57
C LEU A 521 15.09 19.66 5.88
N ALA A 522 13.79 19.79 6.07
CA ALA A 522 12.99 20.73 5.27
C ALA A 522 13.31 22.20 5.61
N LYS A 523 13.81 22.42 6.82
CA LYS A 523 14.07 23.78 7.31
C LYS A 523 15.04 24.59 6.45
N LYS A 524 16.03 23.92 5.87
CA LYS A 524 17.02 24.59 5.02
C LYS A 524 16.41 25.10 3.71
N ILE A 525 15.46 24.35 3.15
CA ILE A 525 14.88 24.68 1.85
C ILE A 525 13.73 25.67 1.93
N GLU A 526 12.99 25.62 3.05
CA GLU A 526 11.81 26.44 3.25
C GLU A 526 11.95 27.94 2.86
N PRO A 527 12.91 28.67 3.44
CA PRO A 527 13.07 30.10 3.12
C PRO A 527 13.50 30.33 1.67
N GLU A 528 14.16 29.35 1.06
CA GLU A 528 14.63 29.48 -0.32
C GLU A 528 13.52 29.48 -1.35
N LEU A 529 12.36 28.96 -0.97
CA LEU A 529 11.18 28.95 -1.83
C LEU A 529 10.52 30.34 -1.92
N GLU A 530 10.80 31.19 -0.93
CA GLU A 530 10.26 32.55 -0.90
C GLU A 530 10.99 33.42 -1.91
N GLY A 531 10.21 34.24 -2.64
CA GLY A 531 10.78 35.17 -3.60
C GLY A 531 11.07 34.55 -4.96
N SER A 532 11.40 35.40 -5.94
CA SER A 532 11.58 34.96 -7.31
C SER A 532 13.04 34.60 -7.68
N SER A 533 13.97 34.84 -6.76
CA SER A 533 15.39 34.66 -7.06
C SER A 533 15.79 33.19 -7.21
N ALA A 534 16.72 32.95 -8.12
CA ALA A 534 17.25 31.61 -8.36
C ALA A 534 18.06 31.13 -7.16
N VAL A 535 17.99 29.83 -6.91
CA VAL A 535 18.73 29.20 -5.82
C VAL A 535 19.88 28.41 -6.42
N THR A 536 21.10 28.66 -5.91
CA THR A 536 22.30 28.02 -6.43
C THR A 536 23.05 27.27 -5.33
N SER A 537 22.45 27.22 -4.15
CA SER A 537 23.12 26.70 -2.96
C SER A 537 23.24 25.18 -2.86
N HIS A 538 22.46 24.46 -3.67
CA HIS A 538 22.43 23.00 -3.60
C HIS A 538 23.07 22.36 -4.84
N ASP A 539 22.95 21.04 -4.93
CA ASP A 539 23.24 20.31 -6.16
C ASP A 539 22.34 20.81 -7.29
N SER A 540 22.74 20.60 -8.54
CA SER A 540 21.99 21.17 -9.67
C SER A 540 20.56 20.65 -9.80
N SER A 541 20.28 19.43 -9.32
CA SER A 541 18.92 18.89 -9.34
C SER A 541 18.00 19.64 -8.37
N THR A 542 18.37 19.68 -7.09
CA THR A 542 17.64 20.49 -6.11
C THR A 542 17.44 21.92 -6.61
N ASN A 543 18.52 22.55 -7.11
CA ASN A 543 18.44 23.89 -7.70
C ASN A 543 17.47 23.98 -8.87
N GLY A 544 17.54 23.00 -9.77
CA GLY A 544 16.71 23.00 -10.97
C GLY A 544 15.23 22.80 -10.65
N LEU A 545 14.96 21.92 -9.68
CA LEU A 545 13.60 21.68 -9.22
C LEU A 545 13.00 22.92 -8.58
N ILE A 546 13.82 23.66 -7.83
CA ILE A 546 13.36 24.91 -7.22
C ILE A 546 13.05 25.94 -8.30
N SER A 547 13.91 26.03 -9.33
CA SER A 547 13.67 26.93 -10.46
C SER A 547 12.34 26.63 -11.15
N PHE A 548 12.07 25.35 -11.36
CA PHE A 548 10.82 24.89 -11.95
C PHE A 548 9.62 25.31 -11.10
N ILE A 549 9.70 25.09 -9.80
CA ILE A 549 8.62 25.49 -8.89
C ILE A 549 8.36 27.00 -9.01
N LYS A 550 9.42 27.78 -8.99
CA LYS A 550 9.28 29.24 -9.06
C LYS A 550 8.72 29.70 -10.41
N GLN A 551 9.12 29.02 -11.48
CA GLN A 551 8.65 29.35 -12.84
C GLN A 551 7.18 28.99 -13.05
N GLN A 552 6.74 27.91 -12.41
CA GLN A 552 5.44 27.31 -12.69
C GLN A 552 4.31 27.71 -11.74
N ARG A 553 4.64 28.31 -10.60
CA ARG A 553 3.64 28.50 -9.55
C ARG A 553 2.62 29.62 -9.79
N ASP A 554 2.93 30.53 -10.72
CA ASP A 554 2.01 31.63 -11.05
C ASP A 554 1.19 31.40 -12.32
N THR A 555 1.45 30.30 -13.03
CA THR A 555 0.74 29.99 -14.27
C THR A 555 -0.73 29.69 -13.99
N LYS A 556 -1.62 30.27 -14.80
CA LYS A 556 -3.05 30.03 -14.65
C LYS A 556 -3.50 28.80 -15.43
N LEU A 557 -4.10 27.85 -14.71
CA LEU A 557 -4.65 26.63 -15.31
C LEU A 557 -6.05 26.35 -14.76
N MET B 1 18.46 -19.64 -21.89
CA MET B 1 18.68 -18.21 -22.26
C MET B 1 17.43 -17.64 -22.91
N ALA B 2 17.29 -16.31 -22.83
CA ALA B 2 16.09 -15.64 -23.30
C ALA B 2 16.52 -14.47 -24.16
N ALA B 3 15.59 -13.83 -24.87
CA ALA B 3 15.94 -12.74 -25.79
C ALA B 3 16.81 -11.68 -25.13
N LEU B 4 16.41 -11.21 -23.95
CA LEU B 4 17.12 -10.12 -23.30
C LEU B 4 18.56 -10.48 -22.97
N THR B 5 18.75 -11.63 -22.34
CA THR B 5 20.07 -12.05 -21.88
C THR B 5 21.01 -12.44 -23.04
N ARG B 6 20.41 -12.78 -24.18
CA ARG B 6 21.16 -13.11 -25.40
C ARG B 6 21.50 -11.85 -26.22
N ASN B 7 20.96 -10.71 -25.80
CA ASN B 7 21.16 -9.45 -26.50
C ASN B 7 22.51 -8.82 -26.14
N PRO B 8 23.32 -8.51 -27.16
CA PRO B 8 24.68 -8.02 -26.92
C PRO B 8 24.74 -6.65 -26.26
N GLN B 9 23.76 -5.78 -26.51
CA GLN B 9 23.69 -4.50 -25.80
C GLN B 9 23.38 -4.70 -24.31
N PHE B 10 22.58 -5.73 -23.98
CA PHE B 10 22.35 -6.07 -22.58
C PHE B 10 23.62 -6.63 -21.92
N GLN B 11 24.32 -7.51 -22.64
CA GLN B 11 25.57 -8.09 -22.14
C GLN B 11 26.62 -7.01 -21.85
N LYS B 12 26.71 -6.02 -22.74
CA LYS B 12 27.63 -4.89 -22.58
C LYS B 12 27.28 -4.08 -21.31
N LEU B 13 25.99 -3.80 -21.14
CA LEU B 13 25.50 -3.07 -19.98
C LEU B 13 25.80 -3.80 -18.69
N LEU B 14 25.48 -5.10 -18.66
CA LEU B 14 25.75 -5.93 -17.49
C LEU B 14 27.23 -5.97 -17.17
N GLU B 15 28.07 -6.17 -18.18
CA GLU B 15 29.52 -6.17 -17.99
C GLU B 15 30.03 -4.81 -17.49
N TRP B 16 29.52 -3.72 -18.06
CA TRP B 16 29.86 -2.38 -17.57
C TRP B 16 29.48 -2.21 -16.10
N HIS B 17 28.27 -2.64 -15.75
CA HIS B 17 27.81 -2.59 -14.36
C HIS B 17 28.76 -3.35 -13.42
N ARG B 18 29.14 -4.56 -13.82
CA ARG B 18 30.04 -5.38 -13.01
C ARG B 18 31.38 -4.70 -12.76
N ALA B 19 31.94 -4.11 -13.82
CA ALA B 19 33.25 -3.48 -13.75
C ALA B 19 33.24 -2.09 -13.09
N ASN B 20 32.12 -1.38 -13.21
CA ASN B 20 32.09 0.05 -12.93
C ASN B 20 31.08 0.58 -11.90
N SER B 21 30.05 -0.19 -11.58
CA SER B 21 28.94 0.32 -10.75
C SER B 21 29.36 0.82 -9.37
N ALA B 22 30.47 0.28 -8.85
CA ALA B 22 31.03 0.72 -7.57
C ALA B 22 31.63 2.13 -7.66
N ASN B 23 31.94 2.56 -8.89
CA ASN B 23 32.48 3.91 -9.12
C ASN B 23 31.41 4.98 -9.14
N LEU B 24 30.15 4.56 -9.29
CA LEU B 24 29.03 5.49 -9.38
C LEU B 24 28.61 5.94 -7.99
N LYS B 25 28.80 7.22 -7.73
CA LYS B 25 28.39 7.85 -6.50
C LYS B 25 27.70 9.15 -6.88
N LEU B 26 26.45 9.30 -6.44
CA LEU B 26 25.61 10.44 -6.83
C LEU B 26 26.27 11.78 -6.50
N ARG B 27 26.78 11.91 -5.28
CA ARG B 27 27.48 13.11 -4.84
C ARG B 27 28.57 13.52 -5.84
N GLU B 28 29.38 12.55 -6.23
CA GLU B 28 30.50 12.77 -7.15
C GLU B 28 30.04 13.12 -8.56
N LEU B 29 28.99 12.45 -9.03
CA LEU B 29 28.44 12.71 -10.36
C LEU B 29 27.98 14.16 -10.50
N PHE B 30 27.34 14.69 -9.46
CA PHE B 30 26.90 16.08 -9.47
C PHE B 30 28.06 17.07 -9.33
N GLU B 31 29.05 16.71 -8.49
CA GLU B 31 30.22 17.58 -8.29
C GLU B 31 31.04 17.75 -9.56
N ALA B 32 31.11 16.68 -10.36
CA ALA B 32 31.94 16.66 -11.57
C ALA B 32 31.26 17.30 -12.80
N ASP B 33 29.96 17.57 -12.69
CA ASP B 33 29.18 17.99 -13.86
C ASP B 33 28.06 18.96 -13.46
N PRO B 34 28.34 20.28 -13.51
CA PRO B 34 27.34 21.29 -13.15
C PRO B 34 26.13 21.31 -14.09
N GLU B 35 26.28 20.71 -15.27
CA GLU B 35 25.19 20.59 -16.24
C GLU B 35 24.36 19.32 -16.02
N ARG B 36 24.58 18.63 -14.91
CA ARG B 36 23.94 17.32 -14.71
C ARG B 36 22.42 17.39 -14.74
N PHE B 37 21.83 18.27 -13.94
CA PHE B 37 20.37 18.44 -13.98
C PHE B 37 19.90 18.75 -15.41
N ASN B 38 20.58 19.69 -16.06
CA ASN B 38 20.19 20.09 -17.42
C ASN B 38 20.17 18.95 -18.42
N ASN B 39 21.12 18.03 -18.30
CA ASN B 39 21.27 16.95 -19.27
C ASN B 39 20.56 15.65 -18.87
N PHE B 40 20.09 15.57 -17.62
CA PHE B 40 19.43 14.38 -17.12
C PHE B 40 18.02 14.70 -16.61
N SER B 41 17.35 15.59 -17.33
CA SER B 41 15.96 15.94 -17.04
C SER B 41 15.24 16.34 -18.31
N LEU B 42 13.92 16.21 -18.30
CA LEU B 42 13.09 16.63 -19.42
C LEU B 42 12.01 17.54 -18.91
N ASN B 43 11.98 18.77 -19.43
CA ASN B 43 10.92 19.71 -19.09
C ASN B 43 9.90 19.71 -20.22
N LEU B 44 8.82 18.96 -20.02
CA LEU B 44 7.81 18.80 -21.06
C LEU B 44 6.76 19.89 -21.00
N ASN B 45 6.59 20.61 -22.11
CA ASN B 45 5.52 21.59 -22.22
C ASN B 45 4.34 21.01 -23.00
N THR B 46 3.24 20.74 -22.30
CA THR B 46 2.03 20.16 -22.91
C THR B 46 1.07 21.19 -23.49
N ASN B 47 1.37 22.47 -23.29
CA ASN B 47 0.47 23.59 -23.60
C ASN B 47 -0.70 23.71 -22.60
N HIS B 48 -0.74 22.78 -21.64
CA HIS B 48 -1.72 22.80 -20.56
C HIS B 48 -1.02 22.52 -19.22
N GLY B 49 0.21 23.05 -19.10
CA GLY B 49 1.06 22.84 -17.94
C GLY B 49 2.32 22.10 -18.33
N HIS B 50 3.33 22.17 -17.46
CA HIS B 50 4.61 21.52 -17.69
C HIS B 50 4.74 20.29 -16.81
N ILE B 51 5.41 19.26 -17.34
CA ILE B 51 5.79 18.09 -16.55
C ILE B 51 7.30 17.98 -16.63
N LEU B 52 7.95 18.18 -15.49
CA LEU B 52 9.39 18.01 -15.38
C LEU B 52 9.68 16.59 -14.88
N VAL B 53 10.43 15.85 -15.69
CA VAL B 53 10.86 14.51 -15.31
C VAL B 53 12.35 14.63 -15.03
N ASP B 54 12.67 14.74 -13.74
CA ASP B 54 14.05 14.90 -13.31
C ASP B 54 14.61 13.56 -12.89
N TYR B 55 15.43 12.97 -13.75
CA TYR B 55 16.05 11.69 -13.49
C TYR B 55 17.54 11.80 -13.17
N SER B 56 17.97 12.99 -12.75
CA SER B 56 19.39 13.25 -12.53
C SER B 56 19.96 12.60 -11.27
N LYS B 57 19.11 12.40 -10.26
CA LYS B 57 19.53 11.77 -9.01
C LYS B 57 19.56 10.24 -9.13
N ASN B 58 19.91 9.75 -10.31
CA ASN B 58 20.05 8.32 -10.55
C ASN B 58 21.51 7.90 -10.75
N LEU B 59 21.79 6.64 -10.44
CA LEU B 59 23.12 6.07 -10.56
C LEU B 59 23.44 5.75 -12.02
N VAL B 60 23.55 6.81 -12.82
CA VAL B 60 23.79 6.69 -14.26
C VAL B 60 24.73 7.80 -14.74
N SER B 61 25.57 7.46 -15.71
CA SER B 61 26.36 8.46 -16.42
C SER B 61 25.81 8.60 -17.83
N LYS B 62 26.34 9.56 -18.60
CA LYS B 62 25.99 9.69 -20.02
C LYS B 62 26.18 8.36 -20.78
N GLU B 63 27.29 7.67 -20.51
CA GLU B 63 27.58 6.37 -21.12
C GLU B 63 26.51 5.34 -20.81
N VAL B 64 26.06 5.28 -19.56
CA VAL B 64 25.03 4.33 -19.14
C VAL B 64 23.71 4.61 -19.86
N MET B 65 23.34 5.89 -19.96
CA MET B 65 22.09 6.25 -20.66
C MET B 65 22.17 5.87 -22.13
N GLN B 66 23.33 6.10 -22.74
CA GLN B 66 23.57 5.72 -24.13
C GLN B 66 23.40 4.22 -24.33
N MET B 67 24.00 3.44 -23.43
CA MET B 67 23.89 1.98 -23.48
C MET B 67 22.43 1.52 -23.31
N LEU B 68 21.71 2.16 -22.40
CA LEU B 68 20.30 1.81 -22.18
C LEU B 68 19.44 2.10 -23.41
N VAL B 69 19.63 3.27 -24.01
CA VAL B 69 18.88 3.67 -25.21
C VAL B 69 19.18 2.68 -26.35
N GLU B 70 20.45 2.29 -26.49
CA GLU B 70 20.85 1.33 -27.51
C GLU B 70 20.14 -0.01 -27.30
N LEU B 71 20.01 -0.40 -26.04
CA LEU B 71 19.33 -1.64 -25.70
C LEU B 71 17.85 -1.56 -26.04
N ALA B 72 17.20 -0.45 -25.70
CA ALA B 72 15.80 -0.27 -26.06
C ALA B 72 15.63 -0.44 -27.57
N LYS B 73 16.52 0.18 -28.35
CA LYS B 73 16.44 0.08 -29.81
C LYS B 73 16.64 -1.35 -30.30
N SER B 74 17.65 -2.03 -29.74
CA SER B 74 17.98 -3.38 -30.21
C SER B 74 17.04 -4.46 -29.65
N ARG B 75 16.13 -4.06 -28.77
CA ARG B 75 15.07 -4.96 -28.31
C ARG B 75 13.75 -4.70 -29.04
N GLY B 76 13.79 -3.77 -30.01
CA GLY B 76 12.67 -3.54 -30.90
C GLY B 76 11.57 -2.64 -30.37
N VAL B 77 11.93 -1.76 -29.43
CA VAL B 77 10.95 -0.89 -28.76
C VAL B 77 10.20 0.01 -29.77
N GLU B 78 10.94 0.61 -30.70
CA GLU B 78 10.29 1.53 -31.64
C GLU B 78 9.26 0.81 -32.53
N ALA B 79 9.64 -0.35 -33.07
CA ALA B 79 8.73 -1.13 -33.93
C ALA B 79 7.54 -1.66 -33.14
N ALA B 80 7.80 -2.16 -31.94
CA ALA B 80 6.75 -2.70 -31.07
C ALA B 80 5.72 -1.63 -30.71
N ARG B 81 6.21 -0.43 -30.38
CA ARG B 81 5.35 0.72 -30.11
C ARG B 81 4.44 1.05 -31.30
N ASP B 82 5.05 1.15 -32.49
CA ASP B 82 4.29 1.42 -33.71
C ASP B 82 3.22 0.37 -33.98
N ASN B 83 3.55 -0.89 -33.68
CA ASN B 83 2.61 -2.01 -33.81
C ASN B 83 1.41 -1.89 -32.87
N MET B 84 1.65 -1.48 -31.64
CA MET B 84 0.56 -1.21 -30.70
C MET B 84 -0.38 -0.15 -31.28
N PHE B 85 0.19 0.98 -31.69
CA PHE B 85 -0.59 2.14 -32.12
C PHE B 85 -1.38 1.87 -33.40
N SER B 86 -0.90 0.92 -34.19
CA SER B 86 -1.52 0.64 -35.49
C SER B 86 -2.61 -0.44 -35.40
N GLY B 87 -2.76 -1.05 -34.23
CA GLY B 87 -3.77 -2.07 -34.03
C GLY B 87 -3.30 -3.49 -34.33
N SER B 88 -2.00 -3.72 -34.46
CA SER B 88 -1.47 -5.07 -34.60
C SER B 88 -1.84 -5.86 -33.35
N LYS B 89 -2.06 -7.16 -33.52
CA LYS B 89 -2.50 -7.99 -32.40
C LYS B 89 -1.32 -8.39 -31.51
N ILE B 90 -0.77 -7.41 -30.80
CA ILE B 90 0.45 -7.62 -30.02
C ILE B 90 0.24 -8.40 -28.72
N ASN B 91 -1.01 -8.54 -28.29
CA ASN B 91 -1.35 -9.45 -27.19
C ASN B 91 -1.43 -10.85 -27.79
N TYR B 92 -0.26 -11.46 -27.97
CA TYR B 92 -0.14 -12.66 -28.81
C TYR B 92 -0.72 -13.95 -28.21
N THR B 93 -0.83 -14.04 -26.88
CA THR B 93 -1.39 -15.25 -26.26
C THR B 93 -2.91 -15.31 -26.38
N GLU B 94 -3.53 -14.14 -26.48
CA GLU B 94 -4.98 -14.04 -26.62
C GLU B 94 -5.39 -13.64 -28.03
N ASP B 95 -4.39 -13.31 -28.85
CA ASP B 95 -4.59 -12.83 -30.22
C ASP B 95 -5.50 -11.60 -30.28
N ARG B 96 -5.12 -10.57 -29.53
CA ARG B 96 -5.90 -9.33 -29.46
C ARG B 96 -5.01 -8.13 -29.74
N ALA B 97 -5.62 -7.07 -30.27
CA ALA B 97 -4.98 -5.77 -30.34
C ALA B 97 -4.88 -5.22 -28.92
N VAL B 98 -4.11 -4.14 -28.76
CA VAL B 98 -3.90 -3.49 -27.47
C VAL B 98 -4.08 -2.00 -27.75
N LEU B 99 -5.28 -1.50 -27.47
CA LEU B 99 -5.66 -0.19 -28.00
C LEU B 99 -6.32 0.78 -27.02
N HIS B 100 -5.81 0.83 -25.79
CA HIS B 100 -6.20 1.90 -24.89
C HIS B 100 -5.84 3.26 -25.48
N VAL B 101 -4.83 3.31 -26.36
CA VAL B 101 -4.50 4.57 -27.05
C VAL B 101 -5.63 5.06 -27.97
N ALA B 102 -6.41 4.13 -28.52
CA ALA B 102 -7.57 4.48 -29.36
C ALA B 102 -8.70 5.15 -28.57
N LEU B 103 -8.88 4.74 -27.32
CA LEU B 103 -9.92 5.28 -26.45
C LEU B 103 -9.80 6.78 -26.25
N ARG B 104 -8.56 7.25 -26.22
CA ARG B 104 -8.25 8.68 -26.03
C ARG B 104 -7.66 9.32 -27.30
N ASN B 105 -7.88 8.69 -28.45
CA ASN B 105 -7.35 9.21 -29.71
C ASN B 105 -8.13 10.45 -30.19
N ARG B 106 -7.82 11.59 -29.58
CA ARG B 106 -8.55 12.84 -29.82
C ARG B 106 -8.44 13.34 -31.27
N SER B 107 -7.36 12.96 -31.95
CA SER B 107 -7.15 13.35 -33.34
C SER B 107 -8.16 12.69 -34.28
N ASN B 108 -8.74 11.57 -33.84
CA ASN B 108 -9.68 10.78 -34.63
C ASN B 108 -9.09 10.19 -35.90
N THR B 109 -7.76 10.20 -36.00
CA THR B 109 -7.10 9.51 -37.10
C THR B 109 -7.48 8.02 -37.01
N PRO B 110 -7.86 7.43 -38.14
CA PRO B 110 -8.28 6.03 -38.17
C PRO B 110 -7.27 5.07 -37.54
N ILE B 111 -7.78 4.17 -36.69
CA ILE B 111 -6.99 3.08 -36.15
C ILE B 111 -7.77 1.80 -36.44
N LYS B 112 -7.21 0.95 -37.30
CA LYS B 112 -7.93 -0.24 -37.77
C LYS B 112 -7.59 -1.51 -37.00
N VAL B 113 -8.63 -2.26 -36.66
CA VAL B 113 -8.50 -3.64 -36.21
C VAL B 113 -9.29 -4.52 -37.17
N ASP B 114 -8.62 -5.53 -37.73
CA ASP B 114 -9.20 -6.39 -38.77
C ASP B 114 -9.73 -5.57 -39.95
N GLY B 115 -8.98 -4.55 -40.35
CA GLY B 115 -9.36 -3.68 -41.46
C GLY B 115 -10.45 -2.65 -41.20
N LYS B 116 -10.97 -2.63 -39.97
CA LYS B 116 -12.08 -1.74 -39.60
C LYS B 116 -11.62 -0.66 -38.62
N ASP B 117 -11.89 0.59 -38.95
CA ASP B 117 -11.60 1.72 -38.07
C ASP B 117 -12.43 1.60 -36.78
N VAL B 118 -11.75 1.63 -35.64
CA VAL B 118 -12.41 1.51 -34.33
C VAL B 118 -12.93 2.84 -33.80
N MET B 119 -12.49 3.94 -34.43
CA MET B 119 -12.80 5.26 -33.90
C MET B 119 -14.30 5.64 -33.85
N PRO B 120 -15.08 5.34 -34.90
CA PRO B 120 -16.53 5.59 -34.86
C PRO B 120 -17.21 4.96 -33.63
N GLU B 121 -16.88 3.71 -33.31
CA GLU B 121 -17.49 3.04 -32.16
C GLU B 121 -16.98 3.60 -30.82
N VAL B 122 -15.69 3.94 -30.76
CA VAL B 122 -15.14 4.65 -29.58
C VAL B 122 -15.93 5.94 -29.32
N ASN B 123 -16.11 6.73 -30.38
CA ASN B 123 -16.79 8.01 -30.28
C ASN B 123 -18.28 7.88 -30.01
N ARG B 124 -18.90 6.84 -30.56
CA ARG B 124 -20.32 6.57 -30.30
C ARG B 124 -20.56 6.33 -28.81
N VAL B 125 -19.74 5.46 -28.21
CA VAL B 125 -19.86 5.18 -26.77
C VAL B 125 -19.56 6.43 -25.94
N LEU B 126 -18.54 7.20 -26.31
CA LEU B 126 -18.27 8.48 -25.64
C LEU B 126 -19.48 9.44 -25.69
N ASP B 127 -20.10 9.55 -26.86
CA ASP B 127 -21.33 10.35 -27.03
C ASP B 127 -22.44 9.89 -26.08
N LYS B 128 -22.62 8.58 -25.99
CA LYS B 128 -23.59 7.96 -25.10
C LYS B 128 -23.31 8.28 -23.63
N MET B 129 -22.04 8.16 -23.23
CA MET B 129 -21.58 8.55 -21.90
C MET B 129 -21.89 10.03 -21.61
N LYS B 130 -21.58 10.91 -22.57
CA LYS B 130 -21.84 12.34 -22.44
C LYS B 130 -23.33 12.62 -22.19
N SER B 131 -24.19 12.00 -23.00
CA SER B 131 -25.64 12.11 -22.86
C SER B 131 -26.13 11.64 -21.48
N PHE B 132 -25.69 10.46 -21.07
CA PHE B 132 -26.01 9.92 -19.76
C PHE B 132 -25.55 10.84 -18.63
N CYS B 133 -24.36 11.41 -18.77
CA CYS B 133 -23.83 12.33 -17.76
C CYS B 133 -24.71 13.58 -17.63
N GLN B 134 -25.14 14.14 -18.75
CA GLN B 134 -26.09 15.26 -18.74
C GLN B 134 -27.39 14.88 -18.01
N ARG B 135 -27.98 13.75 -18.38
CA ARG B 135 -29.24 13.30 -17.79
C ARG B 135 -29.12 13.16 -16.27
N VAL B 136 -28.06 12.49 -15.80
CA VAL B 136 -27.89 12.26 -14.37
C VAL B 136 -27.52 13.54 -13.60
N ARG B 137 -26.49 14.25 -14.07
CA ARG B 137 -25.99 15.43 -13.36
C ARG B 137 -27.01 16.57 -13.29
N SER B 138 -27.82 16.71 -14.33
CA SER B 138 -28.83 17.77 -14.40
C SER B 138 -29.99 17.52 -13.44
N GLY B 139 -30.14 16.26 -13.01
CA GLY B 139 -31.29 15.85 -12.21
C GLY B 139 -32.47 15.38 -13.04
N ASP B 140 -32.32 15.35 -14.37
CA ASP B 140 -33.41 14.92 -15.24
C ASP B 140 -33.68 13.43 -15.17
N TRP B 141 -32.63 12.64 -14.97
CA TRP B 141 -32.76 11.21 -14.75
C TRP B 141 -33.34 10.98 -13.36
N LYS B 142 -34.55 10.42 -13.30
CA LYS B 142 -35.24 10.24 -12.03
C LYS B 142 -35.17 8.80 -11.53
N GLY B 143 -35.13 8.66 -10.20
CA GLY B 143 -35.27 7.36 -9.58
C GLY B 143 -36.72 6.92 -9.56
N TYR B 144 -36.99 5.74 -9.01
CA TYR B 144 -38.33 5.15 -9.08
C TYR B 144 -39.44 5.93 -8.37
N THR B 145 -39.08 6.84 -7.46
CA THR B 145 -40.07 7.70 -6.79
C THR B 145 -40.08 9.12 -7.37
N GLY B 146 -39.36 9.32 -8.47
CA GLY B 146 -39.32 10.60 -9.15
C GLY B 146 -38.27 11.60 -8.69
N LYS B 147 -37.29 11.15 -7.92
CA LYS B 147 -36.26 12.04 -7.35
C LYS B 147 -34.96 11.99 -8.14
N SER B 148 -34.22 13.10 -8.13
CA SER B 148 -32.91 13.16 -8.77
C SER B 148 -31.91 12.26 -8.06
N ILE B 149 -30.94 11.77 -8.84
CA ILE B 149 -29.90 10.88 -8.32
C ILE B 149 -28.85 11.69 -7.56
N THR B 150 -28.52 11.25 -6.35
CA THR B 150 -27.53 11.94 -5.52
C THR B 150 -26.26 11.13 -5.32
N ASP B 151 -26.37 9.83 -5.54
CA ASP B 151 -25.27 8.90 -5.27
C ASP B 151 -25.11 7.92 -6.42
N ILE B 152 -23.86 7.74 -6.85
CA ILE B 152 -23.52 6.72 -7.82
C ILE B 152 -22.61 5.68 -7.18
N ILE B 153 -22.90 4.41 -7.43
CA ILE B 153 -22.13 3.32 -6.84
C ILE B 153 -21.58 2.42 -7.94
N ASN B 154 -20.28 2.51 -8.14
CA ASN B 154 -19.60 1.62 -9.07
C ASN B 154 -19.38 0.28 -8.40
N ILE B 155 -19.81 -0.78 -9.05
CA ILE B 155 -19.54 -2.13 -8.56
C ILE B 155 -18.67 -2.83 -9.58
N GLY B 156 -17.47 -3.20 -9.16
CA GLY B 156 -16.50 -3.85 -10.04
C GLY B 156 -15.25 -4.18 -9.23
N ILE B 157 -14.35 -4.95 -9.81
CA ILE B 157 -13.12 -5.33 -9.12
C ILE B 157 -11.92 -5.22 -10.06
N GLY B 158 -10.74 -4.99 -9.48
CA GLY B 158 -9.50 -4.85 -10.24
C GLY B 158 -9.57 -3.72 -11.25
N GLY B 159 -9.43 -4.05 -12.53
CA GLY B 159 -9.46 -3.07 -13.60
C GLY B 159 -10.78 -2.31 -13.71
N SER B 160 -11.84 -2.91 -13.19
CA SER B 160 -13.17 -2.28 -13.20
C SER B 160 -13.44 -1.46 -11.94
N ASP B 161 -12.40 -1.29 -11.12
CA ASP B 161 -12.52 -0.60 -9.83
C ASP B 161 -11.43 0.45 -9.60
N LEU B 162 -10.17 0.03 -9.63
CA LEU B 162 -9.04 0.86 -9.20
C LEU B 162 -8.89 2.17 -9.96
N GLY B 163 -9.05 2.12 -11.28
CA GLY B 163 -8.93 3.32 -12.11
C GLY B 163 -9.94 4.39 -11.75
N PRO B 164 -11.23 4.07 -11.90
CA PRO B 164 -12.30 5.00 -11.50
C PRO B 164 -12.13 5.50 -10.07
N LEU B 165 -11.79 4.63 -9.12
CA LEU B 165 -11.55 5.04 -7.74
C LEU B 165 -10.39 6.03 -7.62
N MET B 166 -9.24 5.67 -8.19
CA MET B 166 -8.04 6.51 -8.08
C MET B 166 -8.28 7.89 -8.72
N VAL B 167 -8.90 7.89 -9.90
CA VAL B 167 -9.08 9.13 -10.65
C VAL B 167 -10.11 10.06 -9.98
N THR B 168 -11.24 9.50 -9.49
CA THR B 168 -12.21 10.35 -8.79
C THR B 168 -11.63 10.92 -7.49
N GLU B 169 -10.79 10.14 -6.81
CA GLU B 169 -10.09 10.61 -5.62
C GLU B 169 -9.13 11.75 -5.98
N ALA B 170 -8.36 11.54 -7.06
CA ALA B 170 -7.34 12.50 -7.47
C ALA B 170 -7.94 13.82 -7.99
N LEU B 171 -9.13 13.71 -8.58
CA LEU B 171 -9.79 14.85 -9.22
C LEU B 171 -10.99 15.36 -8.43
N LYS B 172 -11.01 15.05 -7.14
CA LYS B 172 -12.10 15.47 -6.24
C LYS B 172 -12.51 16.96 -6.35
N PRO B 173 -11.56 17.90 -6.42
CA PRO B 173 -11.92 19.33 -6.52
C PRO B 173 -12.71 19.68 -7.78
N TYR B 174 -12.74 18.77 -8.75
CA TYR B 174 -13.43 19.02 -10.02
C TYR B 174 -14.85 18.46 -10.05
N SER B 175 -15.34 18.04 -8.88
CA SER B 175 -16.60 17.32 -8.76
C SER B 175 -17.80 18.15 -8.27
N LYS B 176 -17.63 19.47 -8.18
CA LYS B 176 -18.74 20.35 -7.81
C LYS B 176 -19.90 20.16 -8.79
N GLY B 177 -21.10 19.97 -8.27
CA GLY B 177 -22.28 19.76 -9.09
C GLY B 177 -22.50 18.32 -9.47
N GLY B 178 -21.55 17.45 -9.12
CA GLY B 178 -21.65 16.04 -9.45
C GLY B 178 -22.22 15.25 -8.30
N PRO B 179 -22.77 14.07 -8.59
CA PRO B 179 -23.26 13.18 -7.53
C PRO B 179 -22.09 12.60 -6.74
N ARG B 180 -22.34 12.21 -5.49
CA ARG B 180 -21.34 11.47 -4.72
C ARG B 180 -21.05 10.15 -5.42
N VAL B 181 -19.80 9.71 -5.32
CA VAL B 181 -19.41 8.44 -5.92
C VAL B 181 -18.89 7.46 -4.86
N TRP B 182 -19.33 6.21 -4.97
CA TRP B 182 -18.95 5.13 -4.07
C TRP B 182 -18.39 3.97 -4.87
N PHE B 183 -17.45 3.24 -4.29
CA PHE B 183 -16.82 2.12 -4.99
C PHE B 183 -16.90 0.86 -4.15
N VAL B 184 -17.65 -0.11 -4.66
CA VAL B 184 -17.77 -1.42 -4.04
C VAL B 184 -17.04 -2.43 -4.91
N SER B 185 -16.14 -3.20 -4.31
CA SER B 185 -15.26 -4.08 -5.06
C SER B 185 -15.05 -5.46 -4.41
N ASN B 186 -14.72 -5.45 -3.12
CA ASN B 186 -14.47 -6.70 -2.40
C ASN B 186 -15.73 -7.56 -2.34
N ILE B 187 -15.56 -8.88 -2.46
CA ILE B 187 -16.68 -9.80 -2.20
C ILE B 187 -17.04 -9.79 -0.71
N ASP B 188 -16.05 -9.57 0.14
CA ASP B 188 -16.29 -9.40 1.57
C ASP B 188 -17.54 -8.55 1.76
N GLY B 189 -18.57 -9.16 2.35
CA GLY B 189 -19.88 -8.52 2.52
C GLY B 189 -19.87 -7.21 3.27
N THR B 190 -18.81 -6.99 4.05
CA THR B 190 -18.56 -5.71 4.68
C THR B 190 -18.65 -4.56 3.68
N HIS B 191 -18.06 -4.74 2.50
CA HIS B 191 -17.92 -3.64 1.55
C HIS B 191 -19.27 -3.10 1.08
N ILE B 192 -20.12 -3.99 0.55
CA ILE B 192 -21.44 -3.57 0.09
C ILE B 192 -22.35 -3.18 1.25
N ALA B 193 -22.28 -3.93 2.36
CA ALA B 193 -23.15 -3.69 3.52
C ALA B 193 -22.97 -2.29 4.11
N LYS B 194 -21.72 -1.89 4.33
CA LYS B 194 -21.46 -0.58 4.90
C LYS B 194 -21.73 0.55 3.88
N THR B 195 -21.63 0.23 2.60
CA THR B 195 -21.98 1.18 1.54
C THR B 195 -23.48 1.42 1.49
N LEU B 196 -24.25 0.33 1.42
CA LEU B 196 -25.72 0.41 1.31
C LEU B 196 -26.36 1.03 2.55
N ALA B 197 -25.72 0.85 3.71
CA ALA B 197 -26.22 1.40 4.98
C ALA B 197 -26.35 2.92 4.94
N SER B 198 -25.56 3.58 4.10
CA SER B 198 -25.54 5.04 4.00
C SER B 198 -26.32 5.60 2.80
N LEU B 199 -27.12 4.76 2.17
CA LEU B 199 -27.78 5.13 0.91
C LEU B 199 -29.29 4.94 0.92
N SER B 200 -29.97 5.73 0.09
CA SER B 200 -31.40 5.55 -0.17
C SER B 200 -31.59 4.87 -1.52
N PRO B 201 -32.42 3.83 -1.57
CA PRO B 201 -32.77 3.19 -2.85
C PRO B 201 -33.41 4.17 -3.85
N GLU B 202 -33.97 5.27 -3.33
CA GLU B 202 -34.70 6.23 -4.16
C GLU B 202 -33.78 7.11 -5.01
N THR B 203 -32.54 7.28 -4.57
CA THR B 203 -31.66 8.28 -5.17
C THR B 203 -30.28 7.72 -5.49
N SER B 204 -30.15 6.41 -5.44
CA SER B 204 -28.89 5.72 -5.74
C SER B 204 -28.94 5.03 -7.10
N LEU B 205 -27.90 5.24 -7.90
CA LEU B 205 -27.75 4.54 -9.17
C LEU B 205 -26.49 3.69 -9.17
N PHE B 206 -26.65 2.41 -9.50
CA PHE B 206 -25.55 1.46 -9.51
C PHE B 206 -25.00 1.26 -10.92
N ILE B 207 -23.67 1.26 -11.02
CA ILE B 207 -22.97 1.04 -12.27
C ILE B 207 -22.26 -0.30 -12.14
N ILE B 208 -22.70 -1.30 -12.90
CA ILE B 208 -22.10 -2.63 -12.82
C ILE B 208 -21.01 -2.74 -13.88
N ALA B 209 -19.76 -2.70 -13.41
CA ALA B 209 -18.60 -2.59 -14.28
C ALA B 209 -17.92 -3.94 -14.42
N SER B 210 -18.05 -4.55 -15.58
CA SER B 210 -17.46 -5.87 -15.80
C SER B 210 -17.24 -6.18 -17.28
N LYS B 211 -15.97 -6.24 -17.68
CA LYS B 211 -15.60 -6.60 -19.05
C LYS B 211 -16.31 -7.89 -19.48
N THR B 212 -16.17 -8.93 -18.66
CA THR B 212 -16.76 -10.24 -18.93
C THR B 212 -18.25 -10.31 -18.55
N PHE B 213 -18.62 -9.52 -17.55
CA PHE B 213 -19.92 -9.64 -16.86
C PHE B 213 -20.17 -11.02 -16.23
N THR B 214 -19.10 -11.70 -15.81
CA THR B 214 -19.23 -13.00 -15.13
C THR B 214 -18.41 -13.09 -13.87
N THR B 215 -17.55 -12.10 -13.63
CA THR B 215 -16.67 -12.10 -12.46
C THR B 215 -17.56 -12.31 -11.24
N GLN B 216 -17.26 -13.35 -10.48
CA GLN B 216 -18.09 -13.77 -9.36
C GLN B 216 -18.31 -12.65 -8.35
N GLU B 217 -17.23 -11.94 -7.99
CA GLU B 217 -17.31 -10.90 -6.97
C GLU B 217 -18.30 -9.81 -7.40
N THR B 218 -18.11 -9.32 -8.61
CA THR B 218 -18.92 -8.23 -9.15
C THR B 218 -20.39 -8.60 -9.31
N ILE B 219 -20.67 -9.75 -9.92
CA ILE B 219 -22.05 -10.17 -10.13
C ILE B 219 -22.77 -10.45 -8.81
N THR B 220 -22.07 -11.06 -7.85
CA THR B 220 -22.64 -11.31 -6.53
C THR B 220 -22.98 -9.99 -5.84
N ASN B 221 -22.02 -9.06 -5.84
CA ASN B 221 -22.26 -7.72 -5.30
C ASN B 221 -23.44 -7.04 -5.99
N ALA B 222 -23.48 -7.13 -7.33
CA ALA B 222 -24.58 -6.56 -8.11
C ALA B 222 -25.93 -7.16 -7.73
N GLU B 223 -25.98 -8.47 -7.55
CA GLU B 223 -27.22 -9.16 -7.18
C GLU B 223 -27.65 -8.79 -5.76
N THR B 224 -26.68 -8.61 -4.86
CA THR B 224 -26.97 -8.14 -3.51
C THR B 224 -27.54 -6.73 -3.52
N ALA B 225 -26.95 -5.87 -4.35
CA ALA B 225 -27.44 -4.51 -4.53
C ALA B 225 -28.88 -4.51 -5.06
N LYS B 226 -29.14 -5.39 -6.03
CA LYS B 226 -30.46 -5.47 -6.64
C LYS B 226 -31.51 -5.98 -5.65
N GLU B 227 -31.14 -6.96 -4.83
CA GLU B 227 -32.02 -7.46 -3.77
C GLU B 227 -32.39 -6.35 -2.77
N TRP B 228 -31.40 -5.58 -2.37
CA TRP B 228 -31.59 -4.44 -1.46
C TRP B 228 -32.52 -3.41 -2.08
N PHE B 229 -32.30 -3.12 -3.37
CA PHE B 229 -33.11 -2.15 -4.09
C PHE B 229 -34.57 -2.58 -4.21
N LEU B 230 -34.78 -3.83 -4.62
CA LEU B 230 -36.12 -4.35 -4.87
C LEU B 230 -36.94 -4.55 -3.61
N GLU B 231 -36.27 -4.72 -2.47
CA GLU B 231 -36.96 -4.76 -1.19
C GLU B 231 -37.72 -3.45 -0.94
N ALA B 232 -37.15 -2.34 -1.42
CA ALA B 232 -37.78 -1.04 -1.31
C ALA B 232 -38.72 -0.73 -2.48
N ALA B 233 -38.25 -0.96 -3.70
CA ALA B 233 -39.00 -0.58 -4.90
C ALA B 233 -40.13 -1.56 -5.25
N LYS B 234 -39.94 -2.83 -4.88
CA LYS B 234 -40.96 -3.89 -5.04
C LYS B 234 -41.54 -3.97 -6.46
N ASP B 235 -40.72 -3.61 -7.44
CA ASP B 235 -41.16 -3.53 -8.83
C ASP B 235 -39.94 -3.77 -9.73
N PRO B 236 -39.88 -4.93 -10.37
CA PRO B 236 -38.74 -5.32 -11.22
C PRO B 236 -38.47 -4.35 -12.38
N SER B 237 -39.50 -3.66 -12.86
CA SER B 237 -39.34 -2.69 -13.94
C SER B 237 -38.60 -1.42 -13.50
N ALA B 238 -38.50 -1.20 -12.19
CA ALA B 238 -37.80 -0.03 -11.66
C ALA B 238 -36.27 -0.20 -11.66
N VAL B 239 -35.81 -1.44 -11.84
CA VAL B 239 -34.37 -1.74 -11.89
C VAL B 239 -33.70 -0.91 -12.99
N ALA B 240 -34.37 -0.77 -14.13
CA ALA B 240 -33.85 0.01 -15.26
C ALA B 240 -33.55 1.49 -14.94
N LYS B 241 -34.10 1.99 -13.85
CA LYS B 241 -33.88 3.38 -13.45
C LYS B 241 -32.69 3.53 -12.51
N HIS B 242 -32.17 2.41 -12.03
CA HIS B 242 -31.17 2.41 -10.97
C HIS B 242 -29.95 1.53 -11.21
N PHE B 243 -29.93 0.85 -12.37
CA PHE B 243 -28.82 -0.04 -12.70
C PHE B 243 -28.42 0.16 -14.16
N VAL B 244 -27.13 0.41 -14.38
CA VAL B 244 -26.56 0.43 -15.73
C VAL B 244 -25.34 -0.50 -15.77
N ALA B 245 -24.88 -0.81 -16.98
CA ALA B 245 -23.80 -1.77 -17.14
C ALA B 245 -22.69 -1.25 -18.05
N LEU B 246 -21.45 -1.52 -17.67
CA LEU B 246 -20.29 -1.28 -18.51
C LEU B 246 -19.68 -2.63 -18.85
N SER B 247 -19.82 -3.06 -20.10
CA SER B 247 -19.37 -4.41 -20.46
C SER B 247 -18.97 -4.58 -21.93
N THR B 248 -18.34 -5.72 -22.22
CA THR B 248 -18.19 -6.20 -23.60
C THR B 248 -19.23 -7.29 -23.91
N ASN B 249 -19.87 -7.84 -22.86
CA ASN B 249 -20.79 -8.96 -23.04
C ASN B 249 -22.29 -8.63 -22.95
N THR B 250 -22.84 -8.23 -24.08
CA THR B 250 -24.27 -7.88 -24.19
C THR B 250 -25.22 -8.92 -23.60
N ALA B 251 -24.99 -10.21 -23.94
CA ALA B 251 -25.86 -11.29 -23.49
C ALA B 251 -25.94 -11.41 -21.97
N LYS B 252 -24.79 -11.47 -21.32
CA LYS B 252 -24.75 -11.62 -19.86
C LYS B 252 -25.36 -10.41 -19.13
N VAL B 253 -25.22 -9.23 -19.73
CA VAL B 253 -25.87 -8.00 -19.22
C VAL B 253 -27.38 -8.13 -19.27
N LYS B 254 -27.88 -8.70 -20.37
CA LYS B 254 -29.32 -8.93 -20.53
C LYS B 254 -29.84 -9.98 -19.56
N GLU B 255 -29.07 -11.05 -19.38
CA GLU B 255 -29.40 -12.11 -18.42
C GLU B 255 -29.55 -11.58 -16.98
N PHE B 256 -28.67 -10.64 -16.59
CA PHE B 256 -28.77 -10.00 -15.27
C PHE B 256 -30.04 -9.15 -15.14
N GLY B 257 -30.55 -8.65 -16.26
CA GLY B 257 -31.80 -7.91 -16.26
C GLY B 257 -31.67 -6.42 -16.39
N ILE B 258 -30.64 -5.96 -17.10
CA ILE B 258 -30.45 -4.53 -17.36
C ILE B 258 -30.86 -4.16 -18.79
N ASP B 259 -31.57 -3.05 -18.91
CA ASP B 259 -31.93 -2.43 -20.18
C ASP B 259 -30.73 -2.38 -21.14
N PRO B 260 -30.89 -2.86 -22.36
CA PRO B 260 -29.79 -2.85 -23.35
C PRO B 260 -29.35 -1.43 -23.69
N GLN B 261 -30.27 -0.46 -23.60
CA GLN B 261 -29.95 0.95 -23.78
C GLN B 261 -29.09 1.50 -22.62
N ASN B 262 -29.08 0.77 -21.51
CA ASN B 262 -28.31 1.13 -20.31
C ASN B 262 -26.91 0.51 -20.33
N MET B 263 -26.51 -0.05 -21.48
CA MET B 263 -25.22 -0.74 -21.57
C MET B 263 -24.18 0.10 -22.32
N PHE B 264 -23.07 0.38 -21.63
CA PHE B 264 -22.00 1.18 -22.21
C PHE B 264 -20.85 0.24 -22.59
N GLU B 265 -20.64 0.11 -23.90
CA GLU B 265 -19.80 -0.96 -24.43
C GLU B 265 -18.34 -0.60 -24.49
N PHE B 266 -17.49 -1.60 -24.28
CA PHE B 266 -16.09 -1.52 -24.69
C PHE B 266 -15.66 -2.81 -25.41
N TRP B 267 -14.36 -2.98 -25.65
CA TRP B 267 -13.90 -3.96 -26.62
C TRP B 267 -12.79 -4.83 -26.07
N ASP B 268 -12.53 -5.98 -26.71
CA ASP B 268 -11.56 -6.93 -26.17
C ASP B 268 -10.12 -6.39 -26.13
N TRP B 269 -9.85 -5.38 -26.96
CA TRP B 269 -8.53 -4.74 -26.99
C TRP B 269 -8.33 -3.67 -25.91
N VAL B 270 -9.33 -3.53 -25.03
CA VAL B 270 -9.21 -2.71 -23.83
C VAL B 270 -8.93 -3.62 -22.64
N GLY B 271 -7.68 -3.64 -22.21
CA GLY B 271 -7.30 -4.38 -21.01
C GLY B 271 -7.93 -3.76 -19.77
N GLY B 272 -8.33 -4.60 -18.82
CA GLY B 272 -8.96 -4.14 -17.58
C GLY B 272 -8.16 -3.06 -16.89
N ARG B 273 -6.85 -3.30 -16.72
CA ARG B 273 -5.96 -2.36 -16.07
C ARG B 273 -5.57 -1.17 -16.96
N TYR B 274 -6.15 -1.10 -18.15
CA TYR B 274 -5.98 0.02 -19.09
C TYR B 274 -7.35 0.56 -19.54
N SER B 275 -8.38 0.36 -18.71
CA SER B 275 -9.76 0.57 -19.13
C SER B 275 -10.45 1.87 -18.68
N LEU B 276 -9.85 2.63 -17.77
CA LEU B 276 -10.54 3.81 -17.22
C LEU B 276 -10.89 4.84 -18.31
N TRP B 277 -10.16 4.76 -19.42
CA TRP B 277 -10.32 5.65 -20.58
C TRP B 277 -11.57 5.33 -21.41
N SER B 278 -12.10 4.12 -21.20
CA SER B 278 -13.28 3.62 -21.93
C SER B 278 -14.56 3.88 -21.15
N ALA B 279 -15.63 3.17 -21.52
CA ALA B 279 -16.88 3.16 -20.78
C ALA B 279 -16.68 2.92 -19.27
N ILE B 280 -15.63 2.17 -18.92
CA ILE B 280 -15.30 1.90 -17.52
C ILE B 280 -15.13 3.20 -16.72
N GLY B 281 -14.70 4.27 -17.39
CA GLY B 281 -14.59 5.56 -16.74
C GLY B 281 -15.89 6.33 -16.56
N LEU B 282 -17.05 5.69 -16.75
CA LEU B 282 -18.33 6.39 -16.61
C LEU B 282 -18.48 7.09 -15.25
N SER B 283 -18.10 6.42 -14.17
CA SER B 283 -18.21 7.03 -12.83
C SER B 283 -17.32 8.27 -12.70
N ILE B 284 -16.16 8.27 -13.37
CA ILE B 284 -15.32 9.48 -13.42
C ILE B 284 -16.11 10.62 -14.08
N ALA B 285 -16.63 10.35 -15.28
CA ALA B 285 -17.35 11.37 -16.05
C ALA B 285 -18.58 11.88 -15.32
N LEU B 286 -19.29 10.99 -14.64
CA LEU B 286 -20.44 11.41 -13.82
C LEU B 286 -20.01 12.33 -12.69
N HIS B 287 -18.89 11.99 -12.05
CA HIS B 287 -18.44 12.70 -10.84
C HIS B 287 -17.90 14.09 -11.15
N VAL B 288 -17.02 14.19 -12.14
CA VAL B 288 -16.36 15.46 -12.47
C VAL B 288 -16.90 16.15 -13.73
N GLY B 289 -17.86 15.52 -14.40
CA GLY B 289 -18.44 16.05 -15.63
C GLY B 289 -17.71 15.55 -16.85
N PHE B 290 -18.42 15.49 -17.98
CA PHE B 290 -17.84 14.95 -19.20
C PHE B 290 -16.71 15.79 -19.77
N ASP B 291 -16.80 17.11 -19.65
CA ASP B 291 -15.75 18.01 -20.12
C ASP B 291 -14.42 17.66 -19.47
N HIS B 292 -14.44 17.48 -18.15
CA HIS B 292 -13.23 17.12 -17.42
C HIS B 292 -12.72 15.73 -17.80
N PHE B 293 -13.66 14.82 -18.06
CA PHE B 293 -13.31 13.49 -18.57
C PHE B 293 -12.59 13.60 -19.91
N GLU B 294 -13.09 14.48 -20.77
CA GLU B 294 -12.45 14.74 -22.06
C GLU B 294 -11.04 15.33 -21.90
N GLN B 295 -10.86 16.17 -20.88
CA GLN B 295 -9.54 16.74 -20.60
C GLN B 295 -8.57 15.66 -20.14
N LEU B 296 -9.07 14.76 -19.30
CA LEU B 296 -8.33 13.55 -18.90
C LEU B 296 -7.85 12.75 -20.11
N LEU B 297 -8.75 12.46 -21.03
CA LEU B 297 -8.42 11.76 -22.28
C LEU B 297 -7.38 12.52 -23.11
N SER B 298 -7.54 13.83 -23.18
CA SER B 298 -6.66 14.67 -23.98
C SER B 298 -5.23 14.72 -23.45
N GLY B 299 -5.09 14.65 -22.13
CA GLY B 299 -3.78 14.59 -21.48
C GLY B 299 -3.08 13.29 -21.82
N ALA B 300 -3.83 12.19 -21.76
CA ALA B 300 -3.30 10.90 -22.18
C ALA B 300 -2.89 10.92 -23.65
N HIS B 301 -3.72 11.53 -24.51
CA HIS B 301 -3.43 11.65 -25.94
C HIS B 301 -2.14 12.42 -26.17
N TRP B 302 -1.95 13.51 -25.43
CA TRP B 302 -0.70 14.28 -25.52
C TRP B 302 0.51 13.39 -25.26
N MET B 303 0.46 12.61 -24.17
CA MET B 303 1.55 11.72 -23.80
C MET B 303 1.74 10.59 -24.80
N ASP B 304 0.63 10.09 -25.36
CA ASP B 304 0.69 9.09 -26.43
C ASP B 304 1.50 9.62 -27.60
N GLN B 305 1.21 10.87 -27.97
CA GLN B 305 1.91 11.54 -29.07
C GLN B 305 3.38 11.80 -28.75
N HIS B 306 3.65 12.22 -27.51
CA HIS B 306 5.04 12.32 -27.04
C HIS B 306 5.79 10.98 -27.19
N PHE B 307 5.18 9.90 -26.71
CA PHE B 307 5.77 8.57 -26.78
C PHE B 307 5.99 8.13 -28.24
N LEU B 308 5.03 8.46 -29.10
CA LEU B 308 5.08 8.07 -30.51
C LEU B 308 6.15 8.80 -31.32
N LYS B 309 6.28 10.09 -31.09
CA LYS B 309 7.05 10.98 -31.97
C LYS B 309 8.50 11.26 -31.51
N THR B 310 8.77 11.06 -30.22
CA THR B 310 10.02 11.55 -29.64
C THR B 310 11.15 10.52 -29.71
N PRO B 311 12.33 10.96 -30.18
CA PRO B 311 13.53 10.12 -30.17
C PRO B 311 13.72 9.52 -28.78
N LEU B 312 14.09 8.24 -28.73
CA LEU B 312 14.14 7.49 -27.47
C LEU B 312 14.95 8.16 -26.35
N GLU B 313 16.06 8.79 -26.72
CA GLU B 313 16.98 9.42 -25.77
C GLU B 313 16.38 10.60 -24.98
N LYS B 314 15.26 11.14 -25.46
CA LYS B 314 14.55 12.22 -24.75
C LYS B 314 13.04 11.93 -24.61
N ASN B 315 12.71 10.65 -24.59
CA ASN B 315 11.33 10.17 -24.55
C ASN B 315 11.00 9.74 -23.12
N ALA B 316 10.13 10.49 -22.43
CA ALA B 316 9.91 10.32 -20.99
C ALA B 316 9.61 8.90 -20.51
N PRO B 317 8.56 8.23 -21.03
CA PRO B 317 8.26 6.87 -20.58
C PRO B 317 9.39 5.88 -20.88
N VAL B 318 10.06 6.08 -22.01
CA VAL B 318 11.20 5.25 -22.39
C VAL B 318 12.34 5.39 -21.38
N LEU B 319 12.68 6.63 -21.04
CA LEU B 319 13.75 6.85 -20.07
C LEU B 319 13.41 6.27 -18.68
N LEU B 320 12.15 6.46 -18.25
CA LEU B 320 11.70 5.87 -16.97
C LEU B 320 11.80 4.35 -17.00
N ALA B 321 11.39 3.76 -18.13
CA ALA B 321 11.52 2.32 -18.35
C ALA B 321 12.96 1.85 -18.25
N LEU B 322 13.87 2.58 -18.90
CA LEU B 322 15.27 2.20 -18.96
C LEU B 322 15.98 2.26 -17.60
N LEU B 323 15.65 3.28 -16.81
CA LEU B 323 16.18 3.38 -15.46
C LEU B 323 15.73 2.17 -14.63
N GLY B 324 14.45 1.79 -14.79
CA GLY B 324 13.92 0.60 -14.15
C GLY B 324 14.66 -0.68 -14.56
N ILE B 325 14.93 -0.85 -15.85
CA ILE B 325 15.70 -2.00 -16.35
C ILE B 325 17.07 -2.05 -15.67
N TRP B 326 17.72 -0.88 -15.61
CA TRP B 326 19.03 -0.71 -14.95
C TRP B 326 18.97 -1.21 -13.51
N TYR B 327 17.99 -0.76 -12.73
CA TYR B 327 17.91 -1.14 -11.33
C TYR B 327 17.44 -2.59 -11.13
N ILE B 328 16.57 -3.06 -12.01
CA ILE B 328 16.02 -4.41 -11.89
C ILE B 328 17.03 -5.47 -12.37
N ASN B 329 17.48 -5.32 -13.61
CA ASN B 329 18.29 -6.36 -14.25
C ASN B 329 19.79 -6.24 -13.99
N CYS B 330 20.23 -5.07 -13.54
CA CYS B 330 21.66 -4.90 -13.23
C CYS B 330 21.93 -4.83 -11.72
N TYR B 331 21.20 -3.99 -10.98
CA TYR B 331 21.35 -3.94 -9.52
C TYR B 331 20.54 -4.99 -8.75
N GLY B 332 19.53 -5.55 -9.40
CA GLY B 332 18.70 -6.58 -8.79
C GLY B 332 17.70 -6.10 -7.75
N CYS B 333 17.25 -4.84 -7.88
CA CYS B 333 16.25 -4.28 -6.97
C CYS B 333 14.88 -4.89 -7.25
N GLU B 334 14.28 -5.48 -6.22
CA GLU B 334 12.99 -6.15 -6.34
C GLU B 334 11.83 -5.16 -6.47
N THR B 335 11.96 -3.99 -5.86
CA THR B 335 10.82 -3.09 -5.73
C THR B 335 11.01 -1.72 -6.39
N HIS B 336 9.88 -1.05 -6.58
CA HIS B 336 9.82 0.32 -7.09
C HIS B 336 8.77 1.05 -6.27
N ALA B 337 9.17 2.14 -5.63
CA ALA B 337 8.27 2.90 -4.77
C ALA B 337 7.72 4.11 -5.52
N LEU B 338 6.41 4.33 -5.40
CA LEU B 338 5.75 5.53 -5.91
C LEU B 338 5.29 6.37 -4.74
N LEU B 339 5.83 7.58 -4.66
CA LEU B 339 5.62 8.44 -3.49
C LEU B 339 5.09 9.82 -3.87
N PRO B 340 3.78 9.91 -4.11
CA PRO B 340 3.18 11.20 -4.43
C PRO B 340 3.02 12.08 -3.18
N TYR B 341 3.53 13.31 -3.26
CA TYR B 341 3.37 14.27 -2.18
C TYR B 341 2.06 15.02 -2.41
N ASP B 342 0.96 14.27 -2.28
CA ASP B 342 -0.36 14.74 -2.67
C ASP B 342 -1.41 13.77 -2.14
N GLN B 343 -2.19 14.25 -1.18
CA GLN B 343 -3.28 13.48 -0.59
C GLN B 343 -4.30 12.99 -1.62
N TYR B 344 -4.63 13.83 -2.60
CA TYR B 344 -5.59 13.44 -3.63
C TYR B 344 -5.10 12.22 -4.43
N MET B 345 -3.78 12.09 -4.55
CA MET B 345 -3.16 10.98 -5.25
C MET B 345 -2.97 9.74 -4.37
N HIS B 346 -3.72 9.64 -3.27
CA HIS B 346 -3.46 8.61 -2.26
C HIS B 346 -3.67 7.17 -2.76
N ARG B 347 -4.38 7.01 -3.88
CA ARG B 347 -4.56 5.68 -4.47
C ARG B 347 -3.77 5.45 -5.77
N PHE B 348 -2.90 6.42 -6.11
CA PHE B 348 -2.04 6.32 -7.29
C PHE B 348 -1.12 5.09 -7.25
N ALA B 349 -0.46 4.88 -6.11
CA ALA B 349 0.45 3.75 -5.97
C ALA B 349 -0.28 2.41 -6.08
N ALA B 350 -1.45 2.30 -5.46
CA ALA B 350 -2.26 1.08 -5.55
C ALA B 350 -2.73 0.81 -6.97
N TYR B 351 -3.03 1.87 -7.71
CA TYR B 351 -3.43 1.73 -9.10
C TYR B 351 -2.30 1.12 -9.94
N PHE B 352 -1.09 1.66 -9.80
CA PHE B 352 0.03 1.13 -10.60
C PHE B 352 0.62 -0.16 -10.07
N GLN B 353 0.26 -0.49 -8.83
CA GLN B 353 0.50 -1.81 -8.33
C GLN B 353 -0.16 -2.82 -9.28
N GLN B 354 -1.41 -2.58 -9.65
CA GLN B 354 -2.06 -3.41 -10.67
C GLN B 354 -1.47 -3.18 -12.06
N GLY B 355 -1.41 -1.92 -12.48
CA GLY B 355 -0.98 -1.59 -13.83
C GLY B 355 0.37 -2.18 -14.19
N ASP B 356 1.30 -2.09 -13.24
CA ASP B 356 2.66 -2.56 -13.42
C ASP B 356 2.73 -4.08 -13.18
N MET B 357 2.36 -4.51 -11.98
CA MET B 357 2.57 -5.90 -11.56
C MET B 357 1.73 -6.93 -12.31
N GLU B 358 0.49 -6.58 -12.65
CA GLU B 358 -0.33 -7.52 -13.40
C GLU B 358 0.11 -7.58 -14.87
N SER B 359 0.68 -6.48 -15.37
CA SER B 359 1.24 -6.49 -16.72
C SER B 359 2.54 -7.27 -16.81
N ASN B 360 3.49 -6.94 -15.94
CA ASN B 360 4.86 -7.41 -16.11
C ASN B 360 5.35 -8.46 -15.11
N GLY B 361 4.43 -8.94 -14.27
CA GLY B 361 4.72 -10.06 -13.39
C GLY B 361 4.58 -11.35 -14.17
N LYS B 362 5.56 -11.60 -15.05
CA LYS B 362 5.50 -12.68 -16.05
C LYS B 362 6.83 -13.42 -16.11
N TYR B 363 6.82 -14.63 -16.65
CA TYR B 363 8.07 -15.41 -16.72
C TYR B 363 8.26 -16.20 -18.02
N ILE B 364 7.32 -16.05 -18.95
CA ILE B 364 7.40 -16.71 -20.26
C ILE B 364 7.50 -15.66 -21.36
N THR B 365 8.49 -15.84 -22.24
CA THR B 365 8.72 -14.92 -23.35
C THR B 365 7.90 -15.29 -24.59
N LYS B 366 7.90 -14.40 -25.57
CA LYS B 366 7.20 -14.59 -26.85
C LYS B 366 7.51 -15.94 -27.52
N SER B 367 8.76 -16.39 -27.40
CA SER B 367 9.19 -17.66 -27.98
C SER B 367 8.68 -18.88 -27.20
N GLY B 368 8.18 -18.64 -25.99
CA GLY B 368 7.76 -19.72 -25.11
C GLY B 368 8.81 -20.11 -24.10
N ALA B 369 10.00 -19.54 -24.23
CA ALA B 369 11.10 -19.84 -23.31
C ALA B 369 10.87 -19.16 -21.98
N ARG B 370 11.31 -19.83 -20.92
CA ARG B 370 11.32 -19.24 -19.58
C ARG B 370 12.37 -18.13 -19.55
N VAL B 371 12.05 -17.02 -18.88
CA VAL B 371 13.04 -15.97 -18.66
C VAL B 371 14.14 -16.50 -17.73
N ASP B 372 15.35 -16.03 -17.95
CA ASP B 372 16.45 -16.32 -17.03
C ASP B 372 16.97 -15.02 -16.44
N HIS B 373 16.03 -14.11 -16.17
CA HIS B 373 16.31 -12.79 -15.66
C HIS B 373 15.05 -12.29 -14.96
N GLN B 374 15.21 -11.25 -14.15
CA GLN B 374 14.08 -10.63 -13.46
C GLN B 374 13.15 -9.94 -14.47
N THR B 375 11.86 -9.90 -14.14
CA THR B 375 10.88 -9.07 -14.85
C THR B 375 10.32 -8.02 -13.89
N GLY B 376 9.01 -7.76 -13.96
CA GLY B 376 8.38 -6.65 -13.23
C GLY B 376 8.67 -6.58 -11.73
N PRO B 377 8.82 -5.36 -11.20
CA PRO B 377 9.09 -5.18 -9.77
C PRO B 377 7.82 -5.20 -8.94
N ILE B 378 7.99 -5.32 -7.62
CA ILE B 378 6.89 -5.09 -6.68
C ILE B 378 6.77 -3.58 -6.48
N VAL B 379 5.59 -3.05 -6.79
CA VAL B 379 5.34 -1.61 -6.73
C VAL B 379 4.59 -1.31 -5.44
N TRP B 380 4.98 -0.25 -4.75
CA TRP B 380 4.38 0.07 -3.45
C TRP B 380 4.56 1.55 -3.14
N GLY B 381 3.89 2.03 -2.10
CA GLY B 381 4.12 3.39 -1.65
C GLY B 381 2.94 3.99 -0.91
N GLU B 382 3.23 5.06 -0.18
CA GLU B 382 2.21 5.88 0.47
C GLU B 382 2.56 7.35 0.21
N PRO B 383 1.58 8.25 0.26
CA PRO B 383 1.85 9.69 0.03
C PRO B 383 2.85 10.29 1.01
N GLY B 384 3.65 11.24 0.54
CA GLY B 384 4.43 12.09 1.43
C GLY B 384 3.54 13.22 1.92
N THR B 385 3.80 13.77 3.11
CA THR B 385 5.03 13.48 3.87
C THR B 385 4.96 12.27 4.81
N ASN B 386 3.80 11.62 4.90
CA ASN B 386 3.61 10.54 5.88
C ASN B 386 4.68 9.45 5.91
N GLY B 387 5.11 8.99 4.73
CA GLY B 387 6.14 7.98 4.64
C GLY B 387 7.44 8.32 5.36
N GLN B 388 7.76 9.61 5.43
CA GLN B 388 8.96 10.11 6.10
C GLN B 388 9.05 9.69 7.57
N HIS B 389 7.89 9.44 8.15
CA HIS B 389 7.77 9.07 9.56
C HIS B 389 7.58 7.56 9.73
N ALA B 390 7.63 6.79 8.64
CA ALA B 390 7.06 5.42 8.66
C ALA B 390 7.89 4.29 8.05
N PHE B 391 8.24 4.40 6.77
CA PHE B 391 9.12 3.44 6.09
C PHE B 391 10.36 4.11 5.49
N TYR B 392 10.40 5.45 5.46
CA TYR B 392 11.61 6.13 4.96
C TYR B 392 12.81 5.81 5.86
N GLN B 393 12.56 5.42 7.11
CA GLN B 393 13.63 4.93 7.98
C GLN B 393 14.42 3.85 7.25
N LEU B 394 13.69 2.87 6.71
CA LEU B 394 14.32 1.78 5.96
C LEU B 394 14.94 2.25 4.64
N ILE B 395 14.28 3.15 3.92
CA ILE B 395 14.87 3.68 2.69
C ILE B 395 16.23 4.35 2.96
N HIS B 396 16.30 5.14 4.03
CA HIS B 396 17.53 5.85 4.41
C HIS B 396 18.60 4.96 5.03
N GLN B 397 18.18 4.03 5.89
CA GLN B 397 19.13 3.32 6.75
C GLN B 397 18.99 1.79 6.75
N GLY B 398 18.33 1.24 5.75
CA GLY B 398 18.16 -0.20 5.65
C GLY B 398 19.19 -0.83 4.73
N THR B 399 18.94 -2.08 4.33
CA THR B 399 19.89 -2.85 3.54
C THR B 399 19.41 -3.11 2.11
N LYS B 400 18.35 -2.39 1.70
CA LYS B 400 17.75 -2.56 0.38
C LYS B 400 17.99 -1.33 -0.48
N MET B 401 18.22 -1.55 -1.77
CA MET B 401 18.19 -0.45 -2.75
C MET B 401 16.77 -0.37 -3.30
N ILE B 402 16.18 0.83 -3.20
CA ILE B 402 14.77 1.03 -3.54
C ILE B 402 14.64 2.27 -4.43
N PRO B 403 14.58 2.08 -5.74
CA PRO B 403 14.32 3.20 -6.64
C PRO B 403 12.97 3.83 -6.25
N CYS B 404 12.94 5.16 -6.11
CA CYS B 404 11.72 5.89 -5.74
C CYS B 404 11.38 6.98 -6.75
N ASP B 405 10.12 7.06 -7.14
CA ASP B 405 9.60 8.20 -7.87
C ASP B 405 8.86 9.09 -6.88
N PHE B 406 9.35 10.31 -6.72
CA PHE B 406 8.71 11.34 -5.92
C PHE B 406 7.90 12.22 -6.88
N LEU B 407 6.61 12.39 -6.60
CA LEU B 407 5.72 13.17 -7.47
C LEU B 407 5.04 14.31 -6.72
N ILE B 408 4.88 15.47 -7.34
CA ILE B 408 4.22 16.61 -6.69
C ILE B 408 3.73 17.64 -7.70
N PRO B 409 2.55 18.22 -7.47
CA PRO B 409 2.13 19.43 -8.19
C PRO B 409 2.74 20.70 -7.59
N VAL B 410 3.17 21.61 -8.45
CA VAL B 410 3.69 22.89 -8.00
C VAL B 410 2.59 23.68 -7.31
N GLN B 411 1.41 23.71 -7.93
CA GLN B 411 0.25 24.42 -7.41
C GLN B 411 -0.68 23.46 -6.67
N THR B 412 -1.08 23.85 -5.46
CA THR B 412 -2.04 23.06 -4.69
C THR B 412 -3.49 23.47 -4.98
N GLN B 413 -4.40 22.51 -4.86
CA GLN B 413 -5.84 22.76 -4.97
C GLN B 413 -6.37 23.51 -3.75
N HIS B 414 -5.59 23.54 -2.67
CA HIS B 414 -6.03 24.15 -1.41
C HIS B 414 -4.93 25.00 -0.78
N PRO B 415 -4.67 26.19 -1.35
CA PRO B 415 -3.61 27.07 -0.87
C PRO B 415 -3.91 27.77 0.47
N ILE B 416 -4.29 27.00 1.49
CA ILE B 416 -4.65 27.55 2.80
C ILE B 416 -3.46 28.25 3.47
N ARG B 417 -3.76 29.14 4.43
CA ARG B 417 -2.75 29.90 5.17
C ARG B 417 -1.73 30.55 4.22
N LYS B 418 -2.23 31.17 3.16
CA LYS B 418 -1.39 31.86 2.16
C LYS B 418 -0.28 30.97 1.58
N GLY B 419 -0.58 29.68 1.42
CA GLY B 419 0.34 28.74 0.83
C GLY B 419 1.33 28.07 1.79
N LEU B 420 1.13 28.28 3.10
CA LEU B 420 2.07 27.77 4.10
C LEU B 420 2.23 26.25 4.06
N HIS B 421 1.11 25.53 4.04
CA HIS B 421 1.14 24.06 4.01
C HIS B 421 1.87 23.57 2.76
N HIS B 422 1.60 24.18 1.62
CA HIS B 422 2.21 23.70 0.38
C HIS B 422 3.70 24.03 0.28
N LYS B 423 4.08 25.17 0.84
CA LYS B 423 5.50 25.52 0.97
C LYS B 423 6.25 24.44 1.75
N ILE B 424 5.70 24.05 2.90
CA ILE B 424 6.31 23.01 3.73
C ILE B 424 6.34 21.67 2.97
N LEU B 425 5.25 21.35 2.31
CA LEU B 425 5.14 20.09 1.54
C LEU B 425 6.21 20.06 0.45
N LEU B 426 6.33 21.16 -0.30
CA LEU B 426 7.34 21.27 -1.35
C LEU B 426 8.77 21.17 -0.77
N ALA B 427 8.98 21.82 0.37
CA ALA B 427 10.29 21.82 1.01
C ALA B 427 10.70 20.39 1.40
N ASN B 428 9.76 19.63 1.95
CA ASN B 428 9.99 18.22 2.30
C ASN B 428 10.26 17.34 1.09
N PHE B 429 9.46 17.52 0.04
CA PHE B 429 9.65 16.83 -1.23
C PHE B 429 11.08 16.98 -1.76
N LEU B 430 11.56 18.23 -1.80
CA LEU B 430 12.90 18.54 -2.26
C LEU B 430 13.99 18.03 -1.32
N ALA B 431 13.82 18.26 -0.02
CA ALA B 431 14.85 17.90 0.96
C ALA B 431 15.06 16.40 1.06
N GLN B 432 13.99 15.63 0.89
CA GLN B 432 14.08 14.18 1.01
C GLN B 432 14.93 13.55 -0.09
N THR B 433 14.71 13.95 -1.35
CA THR B 433 15.52 13.37 -2.43
C THR B 433 16.97 13.83 -2.32
N GLU B 434 17.18 15.05 -1.85
CA GLU B 434 18.53 15.59 -1.62
C GLU B 434 19.26 14.75 -0.56
N ALA B 435 18.58 14.47 0.54
CA ALA B 435 19.15 13.69 1.63
C ALA B 435 19.39 12.24 1.24
N LEU B 436 18.47 11.67 0.47
CA LEU B 436 18.65 10.31 -0.04
C LEU B 436 19.91 10.22 -0.91
N MET B 437 20.16 11.27 -1.70
CA MET B 437 21.37 11.34 -2.51
C MET B 437 22.61 11.59 -1.65
N LYS B 438 22.56 12.62 -0.81
CA LYS B 438 23.75 13.09 -0.09
C LYS B 438 24.11 12.28 1.14
N GLY B 439 23.11 11.80 1.87
CA GLY B 439 23.35 11.20 3.17
C GLY B 439 23.89 12.22 4.15
N LYS B 440 24.59 11.73 5.17
CA LYS B 440 25.24 12.59 6.15
C LYS B 440 26.58 11.97 6.51
N LEU B 441 27.64 12.73 6.27
CA LEU B 441 29.00 12.25 6.50
C LEU B 441 29.34 12.16 8.00
N PRO B 442 30.27 11.28 8.38
CA PRO B 442 30.73 11.21 9.78
C PRO B 442 31.15 12.57 10.34
N GLU B 443 31.88 13.37 9.56
CA GLU B 443 32.30 14.70 10.01
C GLU B 443 31.12 15.61 10.33
N GLU B 444 30.02 15.45 9.58
CA GLU B 444 28.81 16.23 9.80
C GLU B 444 28.09 15.79 11.08
N ALA B 445 27.91 14.48 11.24
CA ALA B 445 27.23 13.95 12.41
C ALA B 445 28.03 14.15 13.71
N ARG B 446 29.36 14.04 13.60
CA ARG B 446 30.25 14.23 14.74
C ARG B 446 30.05 15.61 15.37
N LYS B 447 30.01 16.64 14.54
CA LYS B 447 29.84 18.02 14.98
C LYS B 447 28.47 18.21 15.66
N GLU B 448 27.45 17.54 15.13
CA GLU B 448 26.12 17.62 15.72
C GLU B 448 26.10 17.01 17.12
N LEU B 449 26.73 15.85 17.26
CA LEU B 449 26.83 15.14 18.55
C LEU B 449 27.65 15.96 19.54
N GLN B 450 28.67 16.65 19.04
CA GLN B 450 29.53 17.51 19.86
C GLN B 450 28.74 18.71 20.39
N ALA B 451 27.99 19.36 19.51
CA ALA B 451 27.16 20.52 19.86
C ALA B 451 25.98 20.15 20.77
N ALA B 452 25.59 18.88 20.78
CA ALA B 452 24.46 18.42 21.60
C ALA B 452 24.88 18.11 23.04
N GLY B 453 26.18 18.16 23.29
CA GLY B 453 26.73 17.97 24.62
C GLY B 453 26.98 16.52 24.98
N LYS B 454 27.17 15.68 23.96
CA LYS B 454 27.43 14.26 24.18
C LYS B 454 28.86 14.07 24.67
N SER B 455 29.00 13.24 25.71
CA SER B 455 30.30 12.86 26.23
C SER B 455 31.12 12.12 25.16
N PRO B 456 32.45 12.15 25.28
CA PRO B 456 33.32 11.44 24.34
C PRO B 456 32.94 9.96 24.14
N GLU B 457 32.54 9.29 25.21
CA GLU B 457 32.11 7.89 25.13
C GLU B 457 30.77 7.75 24.39
N ASP B 458 29.81 8.61 24.72
CA ASP B 458 28.49 8.57 24.08
C ASP B 458 28.58 8.92 22.59
N LEU B 459 29.41 9.90 22.26
CA LEU B 459 29.59 10.34 20.89
C LEU B 459 30.10 9.19 20.03
N GLU B 460 31.17 8.54 20.52
CA GLU B 460 31.81 7.40 19.86
C GLU B 460 30.79 6.32 19.52
N LYS B 461 29.94 6.01 20.49
CA LYS B 461 28.95 4.95 20.36
C LYS B 461 27.79 5.34 19.42
N LEU B 462 27.33 6.58 19.53
CA LEU B 462 26.21 7.07 18.71
C LEU B 462 26.58 7.32 17.26
N LEU B 463 27.83 7.70 17.01
CA LEU B 463 28.24 8.20 15.68
C LEU B 463 27.76 7.37 14.48
N PRO B 464 28.11 6.08 14.40
CA PRO B 464 27.72 5.29 13.22
C PRO B 464 26.20 5.18 13.04
N HIS B 465 25.45 5.27 14.14
CA HIS B 465 23.99 5.27 14.07
C HIS B 465 23.43 6.54 13.43
N LYS B 466 24.20 7.63 13.46
CA LYS B 466 23.73 8.92 12.96
C LYS B 466 24.23 9.24 11.55
N VAL B 467 25.07 8.36 11.02
CA VAL B 467 25.65 8.53 9.70
C VAL B 467 24.74 7.87 8.67
N PHE B 468 24.60 8.53 7.52
CA PHE B 468 23.79 8.01 6.44
C PHE B 468 24.63 7.92 5.16
N GLU B 469 24.68 6.72 4.61
CA GLU B 469 25.54 6.45 3.45
C GLU B 469 25.05 7.19 2.19
N GLY B 470 23.77 7.50 2.13
CA GLY B 470 23.22 8.20 0.96
C GLY B 470 23.32 7.34 -0.28
N ASN B 471 23.56 7.97 -1.43
CA ASN B 471 23.65 7.26 -2.71
C ASN B 471 22.37 6.48 -3.06
N ARG B 472 21.22 6.99 -2.59
CA ARG B 472 19.93 6.36 -2.84
C ARG B 472 19.21 7.11 -3.96
N PRO B 473 19.05 6.46 -5.12
CA PRO B 473 18.57 7.14 -6.31
C PRO B 473 17.07 7.37 -6.33
N THR B 474 16.66 8.51 -6.89
CA THR B 474 15.26 8.87 -7.04
C THR B 474 15.02 9.52 -8.38
N ASN B 475 13.76 9.48 -8.82
CA ASN B 475 13.24 10.37 -9.84
C ASN B 475 12.38 11.42 -9.14
N SER B 476 12.43 12.66 -9.62
CA SER B 476 11.50 13.68 -9.18
C SER B 476 10.65 14.09 -10.36
N ILE B 477 9.34 13.92 -10.22
CA ILE B 477 8.39 14.23 -11.29
C ILE B 477 7.49 15.34 -10.76
N VAL B 478 7.67 16.53 -11.32
CA VAL B 478 7.01 17.73 -10.82
C VAL B 478 6.20 18.33 -11.95
N PHE B 479 4.96 18.70 -11.65
CA PHE B 479 4.03 19.17 -12.67
C PHE B 479 3.32 20.42 -12.21
N THR B 480 2.89 21.26 -13.15
CA THR B 480 2.32 22.57 -12.77
C THR B 480 1.18 22.47 -11.76
N LYS B 481 0.23 21.59 -12.04
CA LYS B 481 -0.95 21.41 -11.21
C LYS B 481 -1.55 20.07 -11.54
N LEU B 482 -2.21 19.43 -10.58
CA LEU B 482 -2.86 18.17 -10.88
C LEU B 482 -4.29 18.41 -11.40
N THR B 483 -4.37 18.74 -12.68
CA THR B 483 -5.63 18.93 -13.39
C THR B 483 -6.01 17.60 -14.04
N PRO B 484 -7.26 17.44 -14.48
CA PRO B 484 -7.65 16.26 -15.27
C PRO B 484 -6.68 15.97 -16.43
N PHE B 485 -6.28 17.02 -17.15
CA PHE B 485 -5.36 16.85 -18.29
C PHE B 485 -4.00 16.33 -17.83
N ILE B 486 -3.42 16.98 -16.83
CA ILE B 486 -2.11 16.57 -16.33
C ILE B 486 -2.15 15.16 -15.72
N LEU B 487 -3.21 14.84 -14.99
CA LEU B 487 -3.35 13.49 -14.44
C LEU B 487 -3.39 12.45 -15.57
N GLY B 488 -4.10 12.78 -16.66
CA GLY B 488 -4.20 11.90 -17.81
C GLY B 488 -2.85 11.62 -18.45
N ALA B 489 -2.06 12.68 -18.62
CA ALA B 489 -0.69 12.54 -19.13
C ALA B 489 0.19 11.68 -18.23
N LEU B 490 0.07 11.85 -16.91
CA LEU B 490 0.89 11.11 -15.96
C LEU B 490 0.56 9.62 -15.96
N ILE B 491 -0.73 9.29 -16.03
CA ILE B 491 -1.13 7.89 -16.06
C ILE B 491 -0.61 7.25 -17.36
N ALA B 492 -0.85 7.92 -18.48
CA ALA B 492 -0.39 7.45 -19.80
C ALA B 492 1.13 7.24 -19.84
N MET B 493 1.87 8.14 -19.18
CA MET B 493 3.32 8.05 -19.10
C MET B 493 3.76 6.73 -18.45
N TYR B 494 3.13 6.40 -17.33
CA TYR B 494 3.46 5.14 -16.66
C TYR B 494 2.97 3.93 -17.47
N GLU B 495 1.80 4.05 -18.12
CA GLU B 495 1.34 2.97 -19.01
C GLU B 495 2.43 2.62 -20.02
N HIS B 496 3.02 3.64 -20.63
CA HIS B 496 4.02 3.44 -21.67
C HIS B 496 5.37 3.01 -21.11
N LYS B 497 5.71 3.47 -19.91
CA LYS B 497 6.85 2.90 -19.19
C LYS B 497 6.72 1.39 -19.09
N ILE B 498 5.56 0.95 -18.61
CA ILE B 498 5.29 -0.47 -18.41
C ILE B 498 5.39 -1.24 -19.73
N PHE B 499 4.89 -0.62 -20.81
CA PHE B 499 4.95 -1.22 -22.15
C PHE B 499 6.40 -1.46 -22.58
N VAL B 500 7.23 -0.42 -22.46
CA VAL B 500 8.63 -0.51 -22.89
C VAL B 500 9.37 -1.59 -22.11
N GLN B 501 9.17 -1.64 -20.80
CA GLN B 501 9.82 -2.69 -20.01
C GLN B 501 9.41 -4.08 -20.47
N GLY B 502 8.11 -4.26 -20.72
CA GLY B 502 7.57 -5.53 -21.20
C GLY B 502 8.20 -6.00 -22.50
N ILE B 503 8.32 -5.09 -23.46
CA ILE B 503 8.96 -5.38 -24.75
C ILE B 503 10.41 -5.78 -24.54
N MET B 504 11.11 -5.04 -23.68
CA MET B 504 12.52 -5.31 -23.43
C MET B 504 12.74 -6.69 -22.80
N TRP B 505 11.82 -7.11 -21.94
CA TRP B 505 11.87 -8.44 -21.32
C TRP B 505 11.32 -9.55 -22.23
N ASP B 506 10.74 -9.16 -23.36
CA ASP B 506 10.15 -10.08 -24.33
C ASP B 506 8.91 -10.80 -23.77
N ILE B 507 8.23 -10.17 -22.83
CA ILE B 507 7.04 -10.76 -22.23
C ILE B 507 5.79 -10.10 -22.79
N ASN B 508 4.63 -10.70 -22.51
CA ASN B 508 3.34 -10.12 -22.88
C ASN B 508 2.77 -9.30 -21.72
N SER B 509 2.85 -7.97 -21.85
CA SER B 509 2.36 -7.05 -20.82
C SER B 509 0.84 -7.05 -20.72
N PHE B 510 0.16 -7.75 -21.62
CA PHE B 510 -1.27 -7.51 -21.81
C PHE B 510 -2.20 -8.69 -21.57
N ASP B 511 -1.64 -9.83 -21.18
CA ASP B 511 -2.45 -10.95 -20.72
C ASP B 511 -2.33 -11.10 -19.19
N GLN B 512 -3.04 -12.07 -18.62
CA GLN B 512 -3.01 -12.30 -17.17
C GLN B 512 -3.42 -13.73 -16.81
N TRP B 513 -2.65 -14.69 -17.31
CA TRP B 513 -2.97 -16.11 -17.13
C TRP B 513 -2.80 -16.57 -15.69
N GLY B 514 -2.02 -15.81 -14.93
CA GLY B 514 -1.68 -16.14 -13.56
C GLY B 514 -2.80 -16.04 -12.54
N VAL B 515 -3.95 -15.50 -12.95
CA VAL B 515 -5.11 -15.43 -12.07
C VAL B 515 -6.00 -16.68 -12.13
N GLU B 516 -5.78 -17.52 -13.15
CA GLU B 516 -6.65 -18.65 -13.45
C GLU B 516 -6.66 -19.74 -12.37
N LEU B 517 -5.49 -20.18 -11.95
CA LEU B 517 -5.39 -21.29 -10.98
C LEU B 517 -6.16 -21.02 -9.67
N GLY B 518 -5.99 -19.82 -9.13
CA GLY B 518 -6.69 -19.44 -7.91
C GLY B 518 -8.21 -19.47 -8.08
N LYS B 519 -8.67 -19.05 -9.25
CA LYS B 519 -10.10 -19.06 -9.59
C LYS B 519 -10.64 -20.49 -9.61
N GLN B 520 -9.92 -21.39 -10.27
CA GLN B 520 -10.33 -22.79 -10.38
C GLN B 520 -10.48 -23.44 -9.00
N LEU B 521 -9.47 -23.25 -8.15
CA LEU B 521 -9.45 -23.90 -6.84
C LEU B 521 -10.52 -23.34 -5.91
N ALA B 522 -10.88 -22.07 -6.10
CA ALA B 522 -11.92 -21.42 -5.27
C ALA B 522 -13.29 -21.99 -5.58
N LYS B 523 -13.57 -22.22 -6.86
CA LYS B 523 -14.83 -22.82 -7.28
C LYS B 523 -15.01 -24.22 -6.67
N LYS B 524 -13.91 -24.95 -6.52
CA LYS B 524 -13.95 -26.28 -5.91
C LYS B 524 -14.26 -26.23 -4.41
N ILE B 525 -13.68 -25.26 -3.72
CA ILE B 525 -13.81 -25.18 -2.25
C ILE B 525 -15.16 -24.60 -1.80
N GLU B 526 -15.69 -23.65 -2.56
CA GLU B 526 -16.95 -23.00 -2.22
C GLU B 526 -18.07 -23.93 -1.70
N PRO B 527 -18.49 -24.95 -2.46
CA PRO B 527 -19.53 -25.87 -2.01
C PRO B 527 -19.11 -26.75 -0.83
N GLU B 528 -17.81 -26.98 -0.69
CA GLU B 528 -17.28 -27.83 0.39
C GLU B 528 -17.43 -27.22 1.77
N LEU B 529 -17.53 -25.90 1.82
CA LEU B 529 -17.66 -25.17 3.09
C LEU B 529 -19.01 -25.37 3.75
N GLU B 530 -20.03 -25.66 2.93
CA GLU B 530 -21.40 -25.87 3.42
C GLU B 530 -21.54 -27.19 4.19
N GLY B 531 -22.27 -27.11 5.30
CA GLY B 531 -22.56 -28.30 6.09
C GLY B 531 -21.44 -28.68 7.04
N SER B 532 -21.70 -29.72 7.82
CA SER B 532 -20.83 -30.10 8.93
C SER B 532 -19.79 -31.16 8.56
N SER B 533 -19.88 -31.71 7.35
CA SER B 533 -19.02 -32.83 6.98
C SER B 533 -17.55 -32.42 6.85
N ALA B 534 -16.68 -33.31 7.31
CA ALA B 534 -15.24 -33.11 7.21
C ALA B 534 -14.82 -33.07 5.74
N VAL B 535 -13.90 -32.16 5.43
CA VAL B 535 -13.35 -32.06 4.07
C VAL B 535 -11.93 -32.64 4.10
N THR B 536 -11.69 -33.61 3.23
CA THR B 536 -10.40 -34.32 3.19
C THR B 536 -9.79 -34.33 1.79
N SER B 537 -10.40 -33.59 0.87
CA SER B 537 -10.07 -33.64 -0.55
C SER B 537 -8.83 -32.85 -0.97
N HIS B 538 -8.22 -32.13 -0.04
CA HIS B 538 -7.05 -31.31 -0.35
C HIS B 538 -5.83 -31.77 0.43
N ASP B 539 -4.74 -31.00 0.35
CA ASP B 539 -3.59 -31.20 1.22
C ASP B 539 -4.03 -30.99 2.68
N SER B 540 -3.19 -31.40 3.62
CA SER B 540 -3.58 -31.35 5.04
C SER B 540 -3.75 -29.93 5.60
N SER B 541 -3.02 -28.96 5.03
CA SER B 541 -3.18 -27.56 5.43
C SER B 541 -4.55 -27.02 5.05
N THR B 542 -4.89 -27.08 3.76
CA THR B 542 -6.21 -26.68 3.28
C THR B 542 -7.30 -27.41 4.08
N ASN B 543 -7.17 -28.73 4.25
CA ASN B 543 -8.15 -29.50 5.05
C ASN B 543 -8.25 -29.00 6.48
N GLY B 544 -7.09 -28.77 7.10
CA GLY B 544 -7.00 -28.32 8.48
C GLY B 544 -7.62 -26.95 8.70
N LEU B 545 -7.39 -26.05 7.75
CA LEU B 545 -7.96 -24.70 7.81
C LEU B 545 -9.48 -24.75 7.69
N ILE B 546 -9.97 -25.62 6.79
CA ILE B 546 -11.40 -25.80 6.61
C ILE B 546 -12.02 -26.37 7.88
N SER B 547 -11.37 -27.38 8.46
CA SER B 547 -11.82 -27.96 9.73
C SER B 547 -11.93 -26.90 10.83
N PHE B 548 -10.92 -26.03 10.92
CA PHE B 548 -10.93 -24.91 11.87
C PHE B 548 -12.11 -23.97 11.63
N ILE B 549 -12.38 -23.67 10.36
CA ILE B 549 -13.52 -22.82 9.99
C ILE B 549 -14.86 -23.43 10.42
N LYS B 550 -15.05 -24.72 10.14
CA LYS B 550 -16.29 -25.40 10.50
C LYS B 550 -16.47 -25.48 12.01
N GLN B 551 -15.37 -25.70 12.74
CA GLN B 551 -15.43 -25.76 14.20
C GLN B 551 -15.68 -24.40 14.85
N GLN B 552 -15.16 -23.33 14.25
CA GLN B 552 -15.17 -22.03 14.89
C GLN B 552 -16.35 -21.12 14.53
N ARG B 553 -17.04 -21.43 13.44
CA ARG B 553 -18.09 -20.56 12.91
C ARG B 553 -19.37 -20.46 13.73
N ASP B 554 -19.58 -21.39 14.66
CA ASP B 554 -20.76 -21.37 15.53
C ASP B 554 -20.46 -20.92 16.97
N THR B 555 -19.18 -20.77 17.29
CA THR B 555 -18.75 -20.26 18.61
C THR B 555 -19.28 -18.85 18.87
N LYS B 556 -19.96 -18.69 20.02
CA LYS B 556 -20.48 -17.40 20.43
C LYS B 556 -19.44 -16.66 21.28
N LEU B 557 -18.99 -15.50 20.82
CA LEU B 557 -18.03 -14.69 21.55
C LEU B 557 -18.70 -13.48 22.21
OH2 DER C . 6.36 7.82 13.15
C1 DER C . 7.34 8.53 13.89
OH1 DER C . 8.19 7.58 14.55
C2 DER C . 6.64 9.43 14.86
O2 DER C . 5.54 8.72 15.41
C3 DER C . 6.16 10.67 14.12
O3 DER C . 7.28 11.39 13.62
C4 DER C . 5.33 11.61 14.98
O4 DER C . 6.07 12.03 16.11
P DER C . 5.35 12.82 17.31
O1P DER C . 4.64 14.00 16.68
O2P DER C . 4.38 11.81 17.89
O3P DER C . 6.51 13.17 18.21
C1 GOL D . -18.08 20.13 29.58
O1 GOL D . -19.44 20.12 29.17
C2 GOL D . -17.22 20.84 28.54
O2 GOL D . -17.82 22.04 28.08
C3 GOL D . -15.84 21.12 29.13
O3 GOL D . -15.89 22.11 30.13
C1 GOL E . -21.14 -18.91 5.34
O1 GOL E . -20.62 -17.62 5.62
C2 GOL E . -20.45 -19.96 6.21
O2 GOL E . -21.17 -21.18 6.15
C3 GOL E . -19.03 -20.19 5.73
O3 GOL E . -18.32 -20.87 6.75
OH2 DER F . -8.09 -6.91 -12.65
C1 DER F . -8.42 -7.88 -13.64
OH1 DER F . -7.48 -7.86 -14.70
C2 DER F . -9.81 -7.60 -14.14
O2 DER F . -9.88 -6.22 -14.48
C3 DER F . -10.83 -7.93 -13.04
O3 DER F . -10.80 -9.32 -12.74
C4 DER F . -12.25 -7.54 -13.43
O4 DER F . -12.74 -8.32 -14.53
P DER F . -14.14 -7.94 -15.21
O1P DER F . -15.17 -8.18 -14.13
O2P DER F . -13.99 -6.49 -15.62
O3P DER F . -14.25 -8.91 -16.37
C1 GOL G . 3.62 28.75 -1.43
O1 GOL G . 2.69 27.69 -1.40
C2 GOL G . 4.33 28.76 -2.79
O2 GOL G . 4.63 30.06 -3.19
C3 GOL G . 5.61 27.93 -2.69
O3 GOL G . 6.04 27.66 -4.00
C1 GOL H . -35.05 6.97 -15.49
O1 GOL H . -36.07 7.68 -14.83
C2 GOL H . -35.61 6.45 -16.80
O2 GOL H . -35.87 7.56 -17.64
C3 GOL H . -34.60 5.52 -17.46
O3 GOL H . -35.17 4.94 -18.62
#